data_1XEB
#
_entry.id   1XEB
#
_cell.length_a   138.397
_cell.length_b   138.397
_cell.length_c   136.486
_cell.angle_alpha   90.00
_cell.angle_beta   90.00
_cell.angle_gamma   120.00
#
_symmetry.space_group_name_H-M   'P 32 2 1'
#
loop_
_entity.id
_entity.type
_entity.pdbx_description
1 polymer 'hypothetical protein PA0115'
2 water water
#
_entity_poly.entity_id   1
_entity_poly.type   'polypeptide(L)'
_entity_poly.pdbx_seq_one_letter_code
;MSLDWTCKHHADLTLKELYALLQLRTEVFVVEQKCPYQEVDGLDLVGDTHHL(MSE)AWRDGQLLAYLRLLDPVRHEGQV
VIGRVVSSSAARGQGLGHQL(MSE)ERALQAAERLWLDTPVYLSAQAHLQAYYGRYGFVAVTEVYLEDDIPHIG(MSE)R
RA
;
_entity_poly.pdbx_strand_id   A,B,C,D,E,F,G,H
#
# COMPACT_ATOMS: atom_id res chain seq x y z
N SER A 2 15.12 0.65 -17.68
CA SER A 2 14.27 0.68 -18.92
C SER A 2 12.87 1.21 -18.59
N LEU A 3 12.46 2.27 -19.28
CA LEU A 3 11.16 2.89 -19.05
C LEU A 3 10.49 3.37 -20.34
N ASP A 4 9.20 3.66 -20.25
CA ASP A 4 8.46 4.18 -21.39
C ASP A 4 8.18 5.65 -21.13
N TRP A 5 8.87 6.50 -21.87
CA TRP A 5 8.72 7.94 -21.72
C TRP A 5 7.62 8.53 -22.59
N THR A 6 6.95 9.53 -22.05
CA THR A 6 5.89 10.21 -22.77
C THR A 6 5.80 11.69 -22.40
N CYS A 7 5.59 12.53 -23.39
CA CYS A 7 5.46 13.96 -23.16
C CYS A 7 4.19 14.42 -23.84
N LYS A 8 3.15 14.61 -23.03
CA LYS A 8 1.87 14.99 -23.58
C LYS A 8 1.39 16.38 -23.22
N HIS A 9 0.58 16.92 -24.13
CA HIS A 9 -0.05 18.21 -23.95
C HIS A 9 -1.14 17.87 -22.93
N HIS A 10 -1.47 18.81 -22.05
CA HIS A 10 -2.49 18.53 -21.05
C HIS A 10 -3.86 18.15 -21.62
N ALA A 11 -4.19 18.67 -22.78
CA ALA A 11 -5.48 18.39 -23.39
C ALA A 11 -5.62 16.93 -23.83
N ASP A 12 -4.49 16.21 -23.84
CA ASP A 12 -4.45 14.81 -24.24
C ASP A 12 -4.26 13.84 -23.08
N LEU A 13 -4.25 14.35 -21.85
CA LEU A 13 -4.11 13.46 -20.70
C LEU A 13 -5.35 12.57 -20.56
N THR A 14 -5.16 11.38 -19.99
CA THR A 14 -6.26 10.48 -19.71
C THR A 14 -6.52 10.66 -18.22
N LEU A 15 -7.74 10.35 -17.76
CA LEU A 15 -8.06 10.47 -16.33
C LEU A 15 -7.02 9.71 -15.48
N LYS A 16 -6.63 8.52 -15.94
CA LYS A 16 -5.65 7.73 -15.19
C LYS A 16 -4.33 8.48 -14.98
N GLU A 17 -3.78 9.01 -16.07
CA GLU A 17 -2.52 9.76 -16.06
C GLU A 17 -2.53 10.99 -15.14
N LEU A 18 -3.55 11.83 -15.29
CA LEU A 18 -3.68 13.05 -14.48
C LEU A 18 -3.67 12.66 -13.02
N TYR A 19 -4.46 11.64 -12.71
CA TYR A 19 -4.56 11.15 -11.36
C TYR A 19 -3.16 10.69 -10.92
N ALA A 20 -2.53 9.88 -11.75
CA ALA A 20 -1.19 9.35 -11.44
C ALA A 20 -0.17 10.42 -11.16
N LEU A 21 -0.06 11.40 -12.05
CA LEU A 21 0.92 12.45 -11.87
C LEU A 21 0.61 13.33 -10.63
N LEU A 22 -0.66 13.52 -10.31
CA LEU A 22 -0.96 14.33 -9.13
C LEU A 22 -0.69 13.51 -7.89
N GLN A 23 -0.87 12.20 -8.00
CA GLN A 23 -0.63 11.34 -6.87
C GLN A 23 0.86 11.23 -6.54
N LEU A 24 1.70 11.23 -7.57
CA LEU A 24 3.14 11.13 -7.36
C LEU A 24 3.64 12.44 -6.75
N ARG A 25 3.14 13.54 -7.31
CA ARG A 25 3.53 14.88 -6.84
C ARG A 25 3.16 15.11 -5.39
N THR A 26 1.98 14.62 -5.01
CA THR A 26 1.51 14.80 -3.65
C THR A 26 2.34 13.94 -2.71
N GLU A 27 2.61 12.72 -3.15
CA GLU A 27 3.38 11.80 -2.33
C GLU A 27 4.74 12.36 -1.96
N VAL A 28 5.40 13.00 -2.93
CA VAL A 28 6.71 13.58 -2.68
C VAL A 28 6.73 15.00 -2.10
N PHE A 29 6.08 15.95 -2.79
CA PHE A 29 6.07 17.34 -2.30
C PHE A 29 5.20 17.58 -1.08
N VAL A 30 4.11 16.85 -0.94
CA VAL A 30 3.25 17.04 0.22
C VAL A 30 3.61 16.09 1.36
N VAL A 31 3.52 14.79 1.13
CA VAL A 31 3.78 13.84 2.20
C VAL A 31 5.21 13.63 2.67
N GLU A 32 6.06 13.04 1.83
CA GLU A 32 7.40 12.80 2.31
C GLU A 32 8.15 14.08 2.67
N GLN A 33 7.76 15.20 2.07
CA GLN A 33 8.42 16.46 2.39
C GLN A 33 7.64 17.29 3.42
N LYS A 34 6.60 16.67 3.98
CA LYS A 34 5.77 17.28 5.01
C LYS A 34 5.45 18.74 4.75
N CYS A 35 4.85 18.98 3.61
CA CYS A 35 4.51 20.32 3.18
C CYS A 35 3.04 20.39 2.76
N PRO A 36 2.17 20.86 3.66
CA PRO A 36 0.75 20.96 3.35
C PRO A 36 0.42 22.19 2.53
N TYR A 37 0.87 22.16 1.27
CA TYR A 37 0.65 23.27 0.36
C TYR A 37 -0.28 22.79 -0.75
N GLN A 38 -0.72 23.73 -1.59
CA GLN A 38 -1.67 23.44 -2.66
C GLN A 38 -1.03 22.88 -3.91
N GLU A 39 -0.83 21.57 -3.91
CA GLU A 39 -0.23 20.86 -5.02
C GLU A 39 -0.99 21.05 -6.33
N VAL A 40 -2.32 21.03 -6.26
CA VAL A 40 -3.16 21.19 -7.45
C VAL A 40 -3.30 22.68 -7.65
N ASP A 41 -2.26 23.29 -8.20
CA ASP A 41 -2.18 24.73 -8.37
C ASP A 41 -2.83 25.42 -9.56
N GLY A 42 -3.64 24.71 -10.33
CA GLY A 42 -4.28 25.35 -11.47
C GLY A 42 -3.47 25.60 -12.74
N LEU A 43 -2.18 25.26 -12.75
CA LEU A 43 -1.38 25.49 -13.95
C LEU A 43 -1.24 24.23 -14.79
N ASP A 44 -1.91 23.17 -14.35
CA ASP A 44 -1.84 21.87 -15.01
C ASP A 44 -2.66 21.71 -16.27
N LEU A 45 -3.85 22.30 -16.32
CA LEU A 45 -4.70 22.15 -17.51
C LEU A 45 -5.00 23.47 -18.24
N VAL A 46 -3.97 24.26 -18.51
CA VAL A 46 -4.16 25.53 -19.20
C VAL A 46 -3.12 25.73 -20.28
N GLY A 47 -3.42 26.62 -21.23
CA GLY A 47 -2.52 26.92 -22.32
C GLY A 47 -1.92 25.67 -22.94
N ASP A 48 -0.59 25.60 -22.98
CA ASP A 48 0.07 24.45 -23.55
C ASP A 48 0.95 23.70 -22.52
N THR A 49 0.55 23.74 -21.26
CA THR A 49 1.33 23.03 -20.27
C THR A 49 1.53 21.57 -20.70
N HIS A 50 2.78 21.11 -20.71
CA HIS A 50 3.02 19.72 -21.06
C HIS A 50 3.37 18.90 -19.83
N HIS A 51 3.28 17.58 -19.95
CA HIS A 51 3.59 16.69 -18.85
C HIS A 51 4.50 15.55 -19.30
N LEU A 52 5.72 15.54 -18.78
CA LEU A 52 6.70 14.51 -19.11
C LEU A 52 6.57 13.39 -18.09
N ALA A 54 7.54 9.11 -17.09
CA ALA A 54 8.31 7.91 -17.31
C ALA A 54 7.57 6.82 -16.55
N TRP A 55 7.12 5.80 -17.28
CA TRP A 55 6.38 4.68 -16.70
C TRP A 55 7.10 3.33 -16.72
N ARG A 56 6.73 2.46 -15.79
CA ARG A 56 7.29 1.11 -15.70
C ARG A 56 6.30 0.21 -14.98
N ASP A 57 5.75 -0.76 -15.70
CA ASP A 57 4.80 -1.72 -15.14
C ASP A 57 3.61 -1.08 -14.42
N GLY A 58 2.91 -0.18 -15.10
CA GLY A 58 1.75 0.46 -14.48
C GLY A 58 2.04 1.54 -13.45
N GLN A 59 3.30 1.72 -13.09
CA GLN A 59 3.69 2.74 -12.10
C GLN A 59 4.40 3.96 -12.74
N LEU A 60 4.04 5.15 -12.27
CA LEU A 60 4.66 6.38 -12.74
C LEU A 60 5.87 6.59 -11.83
N LEU A 61 7.08 6.49 -12.37
CA LEU A 61 8.27 6.62 -11.54
C LEU A 61 8.95 8.00 -11.56
N ALA A 62 8.72 8.76 -12.63
CA ALA A 62 9.33 10.07 -12.73
C ALA A 62 8.40 10.97 -13.51
N TYR A 63 8.44 12.25 -13.13
CA TYR A 63 7.60 13.26 -13.75
C TYR A 63 8.18 14.66 -13.65
N LEU A 64 7.80 15.50 -14.60
CA LEU A 64 8.16 16.90 -14.58
C LEU A 64 7.16 17.64 -15.49
N ARG A 65 6.89 18.87 -15.12
CA ARG A 65 5.94 19.70 -15.84
C ARG A 65 6.60 20.86 -16.59
N LEU A 66 6.08 21.12 -17.78
CA LEU A 66 6.55 22.21 -18.62
C LEU A 66 5.43 23.24 -18.83
N LEU A 67 5.65 24.47 -18.38
CA LEU A 67 4.66 25.55 -18.58
C LEU A 67 5.06 26.34 -19.84
N ASP A 68 4.09 26.62 -20.72
CA ASP A 68 4.40 27.35 -21.96
C ASP A 68 4.79 28.81 -21.74
N PRO A 69 5.64 29.33 -22.64
CA PRO A 69 6.17 30.69 -22.61
C PRO A 69 5.20 31.87 -22.74
N VAL A 70 4.17 31.80 -23.58
CA VAL A 70 3.29 32.96 -23.67
C VAL A 70 2.60 33.22 -22.33
N ARG A 71 2.31 32.15 -21.57
CA ARG A 71 1.68 32.31 -20.26
C ARG A 71 2.69 32.63 -19.15
N HIS A 72 3.97 32.63 -19.50
CA HIS A 72 5.01 32.91 -18.53
C HIS A 72 6.10 33.88 -19.01
N GLU A 73 5.67 35.09 -19.32
CA GLU A 73 6.55 36.16 -19.75
C GLU A 73 7.77 35.80 -20.61
N GLY A 74 7.57 34.93 -21.59
CA GLY A 74 8.65 34.55 -22.50
C GLY A 74 9.72 33.56 -22.06
N GLN A 75 9.39 32.69 -21.12
CA GLN A 75 10.34 31.69 -20.64
C GLN A 75 9.57 30.36 -20.50
N VAL A 76 10.17 29.23 -20.87
CA VAL A 76 9.46 27.97 -20.67
C VAL A 76 9.80 27.64 -19.22
N VAL A 77 8.80 27.31 -18.41
CA VAL A 77 9.05 27.02 -17.01
C VAL A 77 8.99 25.53 -16.71
N ILE A 78 10.07 25.02 -16.14
CA ILE A 78 10.20 23.62 -15.76
C ILE A 78 9.94 23.55 -14.25
N GLY A 79 9.09 22.65 -13.81
CA GLY A 79 8.80 22.54 -12.40
C GLY A 79 8.24 21.18 -12.02
N ARG A 80 7.89 21.02 -10.75
CA ARG A 80 7.35 19.77 -10.22
C ARG A 80 8.21 18.58 -10.63
N VAL A 81 9.53 18.77 -10.59
CA VAL A 81 10.49 17.73 -10.93
C VAL A 81 10.48 16.72 -9.80
N VAL A 82 10.11 15.47 -10.12
CA VAL A 82 10.00 14.45 -9.10
C VAL A 82 10.30 13.04 -9.62
N SER A 83 10.75 12.19 -8.72
CA SER A 83 11.04 10.82 -9.07
C SER A 83 10.63 10.02 -7.86
N SER A 84 10.00 8.86 -8.09
CA SER A 84 9.55 8.02 -6.98
C SER A 84 10.73 7.59 -6.08
N SER A 85 10.51 7.65 -4.77
CA SER A 85 11.57 7.30 -3.83
C SER A 85 12.18 5.93 -4.08
N ALA A 86 11.38 4.99 -4.56
CA ALA A 86 11.86 3.63 -4.81
C ALA A 86 12.80 3.51 -6.00
N ALA A 87 12.68 4.46 -6.93
CA ALA A 87 13.51 4.45 -8.13
C ALA A 87 14.58 5.54 -8.11
N ARG A 88 15.04 5.93 -6.92
CA ARG A 88 16.03 6.99 -6.83
C ARG A 88 17.48 6.54 -6.76
N GLY A 89 18.38 7.48 -7.04
CA GLY A 89 19.79 7.18 -7.02
C GLY A 89 20.26 6.50 -8.29
N GLN A 90 19.36 6.28 -9.25
CA GLN A 90 19.70 5.62 -10.50
C GLN A 90 19.81 6.59 -11.67
N GLY A 91 19.94 7.88 -11.36
CA GLY A 91 20.06 8.89 -12.40
C GLY A 91 18.79 9.27 -13.16
N LEU A 92 17.62 9.13 -12.56
CA LEU A 92 16.40 9.52 -13.26
C LEU A 92 16.42 11.03 -13.43
N GLY A 93 17.02 11.72 -12.46
CA GLY A 93 17.12 13.16 -12.53
C GLY A 93 17.75 13.63 -13.84
N HIS A 94 18.86 13.00 -14.23
CA HIS A 94 19.54 13.36 -15.47
C HIS A 94 18.69 13.02 -16.71
N GLN A 95 17.93 11.93 -16.64
CA GLN A 95 17.09 11.55 -17.78
C GLN A 95 15.92 12.54 -17.94
N LEU A 96 15.42 13.04 -16.81
CA LEU A 96 14.32 13.99 -16.82
C LEU A 96 14.81 15.29 -17.44
N GLU A 98 17.34 15.87 -19.27
CA GLU A 98 17.70 15.71 -20.67
C GLU A 98 16.47 15.77 -21.57
N ARG A 99 15.44 15.02 -21.22
CA ARG A 99 14.23 15.00 -22.05
C ARG A 99 13.45 16.30 -21.95
N ALA A 100 13.53 16.95 -20.79
CA ALA A 100 12.83 18.22 -20.62
C ALA A 100 13.42 19.26 -21.55
N LEU A 101 14.75 19.36 -21.55
CA LEU A 101 15.42 20.32 -22.41
C LEU A 101 15.11 20.05 -23.87
N GLN A 102 15.03 18.77 -24.22
CA GLN A 102 14.73 18.37 -25.59
C GLN A 102 13.29 18.70 -25.96
N ALA A 103 12.40 18.57 -24.99
CA ALA A 103 10.99 18.85 -25.20
C ALA A 103 10.77 20.36 -25.41
N ALA A 104 11.43 21.15 -24.56
CA ALA A 104 11.35 22.60 -24.62
C ALA A 104 11.84 23.09 -26.00
N GLU A 105 12.94 22.48 -26.44
CA GLU A 105 13.56 22.79 -27.72
C GLU A 105 12.60 22.47 -28.86
N ARG A 106 11.98 21.30 -28.79
CA ARG A 106 11.03 20.84 -29.79
C ARG A 106 9.79 21.74 -29.82
N LEU A 107 9.23 22.02 -28.65
CA LEU A 107 8.00 22.82 -28.54
C LEU A 107 8.17 24.34 -28.67
N TRP A 108 9.18 24.89 -28.01
CA TRP A 108 9.38 26.32 -28.04
C TRP A 108 10.82 26.68 -28.42
N LEU A 109 11.27 26.14 -29.55
CA LEU A 109 12.61 26.35 -30.04
C LEU A 109 13.15 27.74 -29.71
N ASP A 110 14.40 27.77 -29.24
CA ASP A 110 15.08 29.01 -28.89
C ASP A 110 14.44 29.85 -27.79
N THR A 111 13.58 29.24 -26.98
CA THR A 111 12.97 29.97 -25.88
C THR A 111 13.73 29.57 -24.63
N PRO A 112 14.28 30.54 -23.89
CA PRO A 112 15.03 30.19 -22.68
C PRO A 112 14.17 29.46 -21.66
N VAL A 113 14.81 28.57 -20.90
CA VAL A 113 14.14 27.77 -19.88
C VAL A 113 14.39 28.29 -18.46
N TYR A 114 13.33 28.33 -17.66
CA TYR A 114 13.45 28.81 -16.28
C TYR A 114 12.94 27.80 -15.26
N LEU A 115 13.63 27.74 -14.13
CA LEU A 115 13.22 26.85 -13.06
C LEU A 115 13.59 27.46 -11.73
N SER A 116 12.87 27.03 -10.71
CA SER A 116 13.06 27.48 -9.34
C SER A 116 13.76 26.31 -8.68
N ALA A 117 15.07 26.47 -8.46
CA ALA A 117 15.91 25.44 -7.88
C ALA A 117 16.16 25.60 -6.41
N GLN A 118 16.31 24.49 -5.69
CA GLN A 118 16.60 24.59 -4.28
C GLN A 118 17.98 25.26 -4.16
N ALA A 119 18.07 26.25 -3.29
CA ALA A 119 19.29 27.00 -3.08
C ALA A 119 20.57 26.19 -3.20
N HIS A 120 20.62 25.01 -2.56
CA HIS A 120 21.83 24.19 -2.59
C HIS A 120 22.18 23.51 -3.91
N LEU A 121 21.27 22.76 -4.51
CA LEU A 121 21.62 22.10 -5.77
C LEU A 121 21.72 23.10 -6.91
N GLN A 122 22.35 24.23 -6.61
CA GLN A 122 22.52 25.32 -7.57
C GLN A 122 23.62 24.99 -8.60
N ALA A 123 24.63 24.23 -8.19
CA ALA A 123 25.71 23.84 -9.11
C ALA A 123 25.21 22.78 -10.08
N TYR A 124 24.40 21.87 -9.56
CA TYR A 124 23.84 20.78 -10.35
C TYR A 124 23.21 21.27 -11.65
N TYR A 125 22.47 22.38 -11.56
CA TYR A 125 21.81 22.94 -12.73
C TYR A 125 22.78 23.79 -13.54
N GLY A 126 23.72 24.43 -12.87
CA GLY A 126 24.67 25.25 -13.57
C GLY A 126 25.38 24.43 -14.62
N ARG A 127 25.46 23.12 -14.40
CA ARG A 127 26.12 22.23 -15.35
C ARG A 127 25.23 21.98 -16.55
N TYR A 128 23.95 22.30 -16.40
CA TYR A 128 23.03 22.13 -17.52
C TYR A 128 22.91 23.47 -18.21
N GLY A 129 23.75 24.40 -17.78
CA GLY A 129 23.76 25.72 -18.38
C GLY A 129 22.88 26.74 -17.72
N PHE A 130 22.32 26.41 -16.57
CA PHE A 130 21.47 27.38 -15.88
C PHE A 130 22.33 28.33 -15.06
N VAL A 131 21.90 29.59 -14.97
CA VAL A 131 22.62 30.61 -14.20
C VAL A 131 21.62 31.31 -13.28
N ALA A 132 22.07 31.71 -12.10
CA ALA A 132 21.21 32.38 -11.13
C ALA A 132 20.61 33.69 -11.65
N VAL A 133 19.31 33.89 -11.43
CA VAL A 133 18.66 35.13 -11.87
C VAL A 133 17.86 35.87 -10.80
N THR A 134 17.85 35.34 -9.59
CA THR A 134 17.13 35.98 -8.50
C THR A 134 17.96 35.85 -7.24
N GLU A 135 17.56 36.55 -6.18
CA GLU A 135 18.26 36.45 -4.91
C GLU A 135 17.58 35.22 -4.31
N VAL A 136 18.14 34.64 -3.24
CA VAL A 136 17.49 33.46 -2.67
C VAL A 136 16.20 33.85 -1.95
N TYR A 137 15.18 33.02 -2.09
CA TYR A 137 13.88 33.25 -1.47
C TYR A 137 13.38 31.96 -0.83
N LEU A 138 12.34 32.04 -0.03
CA LEU A 138 11.82 30.85 0.64
C LEU A 138 10.62 30.19 0.02
N GLU A 139 10.61 28.86 0.13
CA GLU A 139 9.54 28.00 -0.35
C GLU A 139 9.45 26.95 0.77
N ASP A 140 8.32 26.92 1.50
CA ASP A 140 8.14 26.00 2.62
C ASP A 140 9.38 26.12 3.49
N ASP A 141 9.85 27.34 3.69
CA ASP A 141 11.02 27.60 4.50
C ASP A 141 12.29 26.94 3.96
N ILE A 142 12.27 26.53 2.69
CA ILE A 142 13.44 25.92 2.07
C ILE A 142 14.01 26.95 1.10
N PRO A 143 15.30 27.28 1.22
CA PRO A 143 15.85 28.26 0.29
C PRO A 143 15.92 27.79 -1.16
N HIS A 144 15.40 28.64 -2.05
CA HIS A 144 15.35 28.39 -3.49
C HIS A 144 15.97 29.57 -4.20
N ILE A 145 16.21 29.41 -5.49
CA ILE A 145 16.81 30.46 -6.27
C ILE A 145 16.41 30.22 -7.72
N GLY A 146 15.93 31.26 -8.38
CA GLY A 146 15.51 31.10 -9.75
C GLY A 146 16.70 31.12 -10.69
N ARG A 148 17.90 30.49 -14.96
CA ARG A 148 17.45 30.36 -16.34
C ARG A 148 18.60 29.92 -17.22
N ARG A 149 18.25 29.18 -18.27
CA ARG A 149 19.22 28.64 -19.19
C ARG A 149 19.10 29.26 -20.57
N ALA A 150 20.23 29.77 -21.06
CA ALA A 150 20.36 30.38 -22.40
C ALA A 150 19.20 31.26 -22.83
N SER B 2 -20.82 34.13 12.58
CA SER B 2 -20.75 33.41 11.27
C SER B 2 -19.87 34.21 10.32
N LEU B 3 -20.27 35.44 10.06
CA LEU B 3 -19.57 36.34 9.15
C LEU B 3 -19.12 37.60 9.92
N ASP B 4 -18.00 38.20 9.53
CA ASP B 4 -17.51 39.41 10.22
C ASP B 4 -17.94 40.71 9.54
N TRP B 5 -18.78 41.49 10.24
CA TRP B 5 -19.29 42.74 9.69
C TRP B 5 -18.63 43.96 10.30
N THR B 6 -18.46 44.98 9.47
CA THR B 6 -17.84 46.22 9.89
C THR B 6 -18.34 47.32 8.93
N CYS B 7 -18.69 48.49 9.46
CA CYS B 7 -19.17 49.62 8.66
C CYS B 7 -18.21 50.78 8.84
N LYS B 8 -17.44 51.09 7.82
CA LYS B 8 -16.46 52.15 7.94
C LYS B 8 -16.66 53.42 7.15
N HIS B 9 -16.36 54.55 7.79
CA HIS B 9 -16.43 55.84 7.14
C HIS B 9 -15.23 55.71 6.19
N HIS B 10 -15.35 56.21 4.96
CA HIS B 10 -14.29 56.09 3.97
C HIS B 10 -12.92 56.51 4.46
N ALA B 11 -12.89 57.50 5.35
CA ALA B 11 -11.63 58.00 5.90
C ALA B 11 -10.87 56.94 6.73
N ASP B 12 -11.58 55.96 7.26
CA ASP B 12 -10.94 54.93 8.06
C ASP B 12 -10.57 53.63 7.32
N LEU B 13 -10.73 53.62 5.99
CA LEU B 13 -10.42 52.42 5.22
C LEU B 13 -8.90 52.19 5.11
N THR B 14 -8.48 50.92 5.07
CA THR B 14 -7.05 50.63 4.87
C THR B 14 -6.95 50.42 3.38
N LEU B 15 -5.73 50.34 2.86
CA LEU B 15 -5.54 50.09 1.44
C LEU B 15 -6.19 48.76 1.08
N LYS B 16 -5.84 47.72 1.83
CA LYS B 16 -6.37 46.38 1.60
C LYS B 16 -7.89 46.35 1.49
N GLU B 17 -8.59 47.04 2.38
CA GLU B 17 -10.05 47.08 2.33
C GLU B 17 -10.55 47.79 1.07
N LEU B 18 -9.96 48.94 0.74
CA LEU B 18 -10.35 49.70 -0.44
C LEU B 18 -10.22 48.77 -1.63
N TYR B 19 -9.04 48.17 -1.72
CA TYR B 19 -8.71 47.26 -2.78
C TYR B 19 -9.68 46.10 -2.80
N ALA B 20 -9.89 45.48 -1.65
CA ALA B 20 -10.79 44.35 -1.57
C ALA B 20 -12.18 44.69 -2.08
N LEU B 21 -12.77 45.78 -1.58
CA LEU B 21 -14.11 46.15 -2.03
C LEU B 21 -14.11 46.57 -3.51
N LEU B 22 -13.05 47.19 -4.01
CA LEU B 22 -13.07 47.54 -5.42
C LEU B 22 -12.87 46.26 -6.25
N GLN B 23 -12.21 45.28 -5.65
CA GLN B 23 -11.95 44.02 -6.32
C GLN B 23 -13.25 43.23 -6.45
N LEU B 24 -13.98 43.11 -5.34
CA LEU B 24 -15.24 42.39 -5.36
C LEU B 24 -16.27 43.05 -6.28
N ARG B 25 -16.36 44.37 -6.25
CA ARG B 25 -17.32 45.09 -7.10
C ARG B 25 -17.01 44.92 -8.59
N THR B 26 -15.74 44.97 -8.95
CA THR B 26 -15.36 44.80 -10.34
C THR B 26 -15.61 43.38 -10.81
N GLU B 27 -15.33 42.43 -9.92
CA GLU B 27 -15.52 41.02 -10.19
C GLU B 27 -16.97 40.74 -10.57
N VAL B 28 -17.91 41.33 -9.83
CA VAL B 28 -19.32 41.11 -10.12
C VAL B 28 -19.93 42.09 -11.10
N PHE B 29 -19.90 43.38 -10.76
CA PHE B 29 -20.48 44.40 -11.61
C PHE B 29 -19.87 44.56 -13.00
N VAL B 30 -18.58 44.29 -13.14
CA VAL B 30 -17.92 44.41 -14.44
C VAL B 30 -17.70 43.05 -15.14
N VAL B 31 -17.06 42.12 -14.46
CA VAL B 31 -16.80 40.86 -15.12
C VAL B 31 -17.96 39.91 -15.29
N GLU B 32 -18.51 39.38 -14.21
CA GLU B 32 -19.60 38.45 -14.41
C GLU B 32 -20.84 39.07 -15.06
N GLN B 33 -21.07 40.36 -14.86
CA GLN B 33 -22.23 40.97 -15.49
C GLN B 33 -21.85 41.53 -16.87
N LYS B 34 -20.60 41.33 -17.26
CA LYS B 34 -20.09 41.80 -18.55
C LYS B 34 -20.55 43.22 -18.82
N CYS B 35 -20.14 44.15 -17.98
CA CYS B 35 -20.53 45.55 -18.14
C CYS B 35 -19.31 46.45 -17.94
N PRO B 36 -18.67 46.84 -19.04
CA PRO B 36 -17.48 47.72 -19.03
C PRO B 36 -17.81 49.18 -18.72
N TYR B 37 -18.25 49.44 -17.49
CA TYR B 37 -18.59 50.79 -17.08
C TYR B 37 -17.60 51.21 -16.00
N GLN B 38 -17.66 52.49 -15.63
CA GLN B 38 -16.77 53.04 -14.62
C GLN B 38 -17.13 52.67 -13.18
N GLU B 39 -16.73 51.48 -12.75
CA GLU B 39 -17.01 51.01 -11.40
C GLU B 39 -16.46 51.96 -10.35
N VAL B 40 -15.32 52.58 -10.65
CA VAL B 40 -14.70 53.51 -9.71
C VAL B 40 -15.29 54.85 -10.06
N ASP B 41 -16.50 55.08 -9.56
CA ASP B 41 -17.27 56.29 -9.86
C ASP B 41 -16.94 57.59 -9.12
N GLY B 42 -15.94 57.56 -8.23
CA GLY B 42 -15.56 58.76 -7.51
C GLY B 42 -16.45 59.15 -6.33
N LEU B 43 -17.44 58.32 -6.00
CA LEU B 43 -18.31 58.63 -4.87
C LEU B 43 -17.87 57.86 -3.64
N ASP B 44 -16.79 57.11 -3.78
CA ASP B 44 -16.30 56.27 -2.71
C ASP B 44 -15.58 56.91 -1.57
N LEU B 45 -14.77 57.92 -1.88
CA LEU B 45 -13.99 58.58 -0.84
C LEU B 45 -14.35 60.04 -0.65
N VAL B 46 -15.63 60.36 -0.65
CA VAL B 46 -16.04 61.76 -0.46
C VAL B 46 -17.04 61.92 0.69
N GLY B 47 -17.12 63.15 1.23
CA GLY B 47 -18.05 63.47 2.31
C GLY B 47 -18.05 62.43 3.41
N ASP B 48 -19.20 61.81 3.62
CA ASP B 48 -19.32 60.80 4.65
C ASP B 48 -19.83 59.47 4.11
N THR B 49 -19.44 59.07 2.90
CA THR B 49 -19.96 57.79 2.45
C THR B 49 -19.33 56.69 3.33
N HIS B 50 -20.12 55.72 3.73
CA HIS B 50 -19.62 54.60 4.53
C HIS B 50 -19.65 53.35 3.69
N HIS B 51 -18.83 52.37 4.06
CA HIS B 51 -18.72 51.09 3.36
C HIS B 51 -19.00 49.95 4.34
N LEU B 52 -20.01 49.14 4.01
CA LEU B 52 -20.41 48.00 4.85
C LEU B 52 -19.80 46.72 4.26
N ALA B 54 -18.60 42.41 4.82
CA ALA B 54 -18.76 41.14 5.50
C ALA B 54 -17.58 40.25 5.15
N TRP B 55 -16.70 40.01 6.14
CA TRP B 55 -15.49 39.21 5.95
C TRP B 55 -15.46 37.79 6.57
N ARG B 56 -14.82 36.87 5.86
CA ARG B 56 -14.63 35.48 6.31
C ARG B 56 -13.29 34.96 5.82
N ASP B 57 -12.55 34.30 6.71
CA ASP B 57 -11.24 33.74 6.36
C ASP B 57 -10.44 34.61 5.38
N GLY B 58 -10.34 35.91 5.69
CA GLY B 58 -9.59 36.83 4.87
C GLY B 58 -10.16 37.20 3.51
N GLN B 59 -11.41 36.81 3.26
CA GLN B 59 -12.09 37.13 2.00
C GLN B 59 -13.24 38.09 2.24
N LEU B 60 -13.45 39.00 1.29
CA LEU B 60 -14.53 39.95 1.38
C LEU B 60 -15.66 39.26 0.63
N LEU B 61 -16.71 38.86 1.35
CA LEU B 61 -17.82 38.13 0.73
C LEU B 61 -19.05 38.95 0.33
N ALA B 62 -19.35 40.00 1.08
CA ALA B 62 -20.51 40.84 0.77
C ALA B 62 -20.17 42.29 1.11
N TYR B 63 -20.80 43.22 0.41
CA TYR B 63 -20.53 44.64 0.61
C TYR B 63 -21.63 45.49 0.04
N LEU B 64 -21.71 46.71 0.54
CA LEU B 64 -22.65 47.70 0.03
C LEU B 64 -22.15 49.06 0.46
N ARG B 65 -22.60 50.08 -0.25
CA ARG B 65 -22.15 51.43 0.02
C ARG B 65 -23.30 52.38 0.40
N LEU B 66 -23.06 53.24 1.39
CA LEU B 66 -24.07 54.22 1.80
C LEU B 66 -23.55 55.61 1.48
N LEU B 67 -24.26 56.33 0.62
CA LEU B 67 -23.87 57.69 0.25
C LEU B 67 -24.58 58.67 1.19
N ASP B 68 -23.85 59.63 1.76
CA ASP B 68 -24.42 60.59 2.72
C ASP B 68 -25.43 61.56 2.11
N PRO B 69 -26.39 62.02 2.92
CA PRO B 69 -27.43 62.94 2.48
C PRO B 69 -27.16 64.40 2.13
N VAL B 70 -26.12 65.04 2.66
CA VAL B 70 -25.95 66.43 2.24
C VAL B 70 -25.43 66.45 0.80
N ARG B 71 -24.88 65.33 0.33
CA ARG B 71 -24.39 65.26 -1.04
C ARG B 71 -25.43 64.61 -1.94
N HIS B 72 -26.55 64.18 -1.37
CA HIS B 72 -27.57 63.58 -2.19
C HIS B 72 -28.99 64.01 -1.88
N GLU B 73 -29.18 65.33 -1.90
CA GLU B 73 -30.47 65.97 -1.70
C GLU B 73 -31.40 65.45 -0.58
N GLY B 74 -30.86 65.26 0.60
CA GLY B 74 -31.66 64.81 1.73
C GLY B 74 -32.01 63.32 1.77
N GLN B 75 -31.28 62.51 1.02
CA GLN B 75 -31.54 61.08 1.00
C GLN B 75 -30.23 60.31 1.15
N VAL B 76 -30.19 59.31 2.01
CA VAL B 76 -28.96 58.53 2.07
C VAL B 76 -29.16 57.54 0.94
N VAL B 77 -28.15 57.36 0.10
CA VAL B 77 -28.29 56.44 -1.02
C VAL B 77 -27.62 55.11 -0.75
N ILE B 78 -28.31 54.02 -1.03
CA ILE B 78 -27.72 52.69 -0.88
C ILE B 78 -27.42 52.19 -2.29
N GLY B 79 -26.17 51.79 -2.52
CA GLY B 79 -25.77 51.29 -3.83
C GLY B 79 -24.67 50.25 -3.76
N ARG B 80 -24.33 49.68 -4.92
CA ARG B 80 -23.30 48.66 -5.06
C ARG B 80 -23.50 47.48 -4.10
N VAL B 81 -24.77 47.07 -3.94
CA VAL B 81 -25.06 45.94 -3.06
C VAL B 81 -24.50 44.73 -3.80
N VAL B 82 -23.61 44.00 -3.16
CA VAL B 82 -23.00 42.88 -3.85
C VAL B 82 -22.50 41.78 -2.92
N SER B 83 -22.38 40.58 -3.47
CA SER B 83 -21.89 39.45 -2.71
C SER B 83 -21.15 38.52 -3.66
N SER B 84 -20.18 37.81 -3.11
CA SER B 84 -19.37 36.88 -3.88
C SER B 84 -20.22 35.76 -4.46
N SER B 85 -19.92 35.40 -5.69
CA SER B 85 -20.61 34.35 -6.39
C SER B 85 -20.79 33.10 -5.51
N ALA B 86 -19.70 32.72 -4.82
CA ALA B 86 -19.75 31.54 -3.96
C ALA B 86 -20.68 31.70 -2.77
N ALA B 87 -20.80 32.92 -2.26
CA ALA B 87 -21.63 33.15 -1.07
C ALA B 87 -22.98 33.79 -1.34
N ARG B 88 -23.36 33.88 -2.61
CA ARG B 88 -24.62 34.53 -2.99
C ARG B 88 -25.89 33.76 -2.64
N GLN B 90 -29.33 33.35 0.00
CA GLN B 90 -30.15 34.54 -0.18
C GLN B 90 -30.41 35.24 1.16
N GLY B 91 -30.00 34.57 2.24
CA GLY B 91 -30.16 35.18 3.55
C GLY B 91 -29.15 36.30 3.60
N LEU B 92 -28.10 36.18 2.78
CA LEU B 92 -27.05 37.17 2.72
C LEU B 92 -27.63 38.50 2.24
N GLY B 93 -28.49 38.44 1.24
CA GLY B 93 -29.13 39.64 0.74
C GLY B 93 -29.93 40.28 1.85
N HIS B 94 -30.61 39.46 2.64
CA HIS B 94 -31.41 39.96 3.74
C HIS B 94 -30.47 40.47 4.84
N GLN B 95 -29.36 39.76 5.03
CA GLN B 95 -28.37 40.15 6.04
C GLN B 95 -27.85 41.54 5.65
N LEU B 96 -27.53 41.70 4.36
CA LEU B 96 -27.04 42.95 3.83
C LEU B 96 -28.05 44.10 3.99
N GLU B 98 -30.69 44.39 6.04
CA GLU B 98 -30.99 44.79 7.41
C GLU B 98 -29.89 45.66 7.98
N ARG B 99 -28.64 45.29 7.72
CA ARG B 99 -27.52 46.06 8.24
C ARG B 99 -27.42 47.44 7.62
N ALA B 100 -27.83 47.55 6.35
CA ALA B 100 -27.81 48.84 5.66
C ALA B 100 -28.82 49.79 6.31
N LEU B 101 -30.03 49.29 6.54
CA LEU B 101 -31.07 50.08 7.18
C LEU B 101 -30.62 50.49 8.59
N GLN B 102 -30.01 49.56 9.32
CA GLN B 102 -29.53 49.85 10.66
C GLN B 102 -28.46 50.93 10.63
N ALA B 103 -27.48 50.78 9.74
CA ALA B 103 -26.42 51.78 9.63
C ALA B 103 -27.01 53.14 9.28
N ALA B 104 -27.92 53.15 8.31
CA ALA B 104 -28.56 54.38 7.87
C ALA B 104 -29.21 55.09 9.05
N GLU B 105 -29.95 54.34 9.85
CA GLU B 105 -30.60 54.94 11.00
C GLU B 105 -29.61 55.51 12.02
N ARG B 106 -28.55 54.76 12.35
CA ARG B 106 -27.62 55.28 13.34
C ARG B 106 -26.77 56.43 12.80
N LEU B 107 -26.49 56.42 11.50
CA LEU B 107 -25.68 57.48 10.91
C LEU B 107 -26.44 58.75 10.51
N TRP B 108 -27.70 58.60 10.11
CA TRP B 108 -28.51 59.73 9.67
C TRP B 108 -29.97 59.61 10.13
N LEU B 109 -30.16 59.42 11.43
CA LEU B 109 -31.47 59.28 12.03
C LEU B 109 -32.59 60.07 11.34
N ASP B 110 -33.65 59.38 10.93
CA ASP B 110 -34.80 60.02 10.29
C ASP B 110 -34.62 60.49 8.84
N THR B 111 -33.47 60.22 8.23
CA THR B 111 -33.28 60.63 6.85
C THR B 111 -33.80 59.48 5.96
N PRO B 112 -34.65 59.81 4.98
CA PRO B 112 -35.12 58.72 4.14
C PRO B 112 -33.97 58.05 3.39
N VAL B 113 -34.18 56.81 2.96
CA VAL B 113 -33.17 56.04 2.23
C VAL B 113 -33.64 55.82 0.80
N TYR B 114 -32.73 56.01 -0.16
CA TYR B 114 -33.01 55.83 -1.58
C TYR B 114 -32.12 54.78 -2.24
N LEU B 115 -32.66 54.09 -3.25
CA LEU B 115 -31.89 53.10 -3.99
C LEU B 115 -32.40 52.95 -5.43
N SER B 116 -31.50 52.54 -6.32
CA SER B 116 -31.79 52.32 -7.75
C SER B 116 -31.86 50.81 -7.89
N ALA B 117 -33.08 50.31 -7.99
CA ALA B 117 -33.34 48.88 -8.08
C ALA B 117 -33.56 48.37 -9.49
N GLN B 118 -33.19 47.11 -9.70
CA GLN B 118 -33.43 46.47 -10.98
C GLN B 118 -34.93 46.30 -10.94
N ALA B 119 -35.61 46.78 -11.99
CA ALA B 119 -37.06 46.73 -12.06
C ALA B 119 -37.67 45.36 -11.79
N HIS B 120 -37.01 44.30 -12.26
CA HIS B 120 -37.54 42.95 -12.09
C HIS B 120 -37.67 42.53 -10.62
N LEU B 121 -36.90 43.16 -9.74
CA LEU B 121 -37.01 42.83 -8.32
C LEU B 121 -37.50 44.03 -7.51
N GLN B 122 -38.55 44.67 -8.02
CA GLN B 122 -39.15 45.82 -7.36
C GLN B 122 -39.99 45.38 -6.15
N ALA B 123 -40.59 44.19 -6.25
CA ALA B 123 -41.42 43.65 -5.17
C ALA B 123 -40.58 43.23 -3.98
N TYR B 124 -39.33 42.88 -4.25
CA TYR B 124 -38.40 42.49 -3.20
C TYR B 124 -38.07 43.69 -2.32
N TYR B 125 -37.88 44.85 -2.93
CA TYR B 125 -37.59 46.05 -2.15
C TYR B 125 -38.85 46.64 -1.50
N GLY B 126 -40.01 46.41 -2.11
CA GLY B 126 -41.26 46.91 -1.55
C GLY B 126 -41.48 46.34 -0.17
N ARG B 127 -41.13 45.06 -0.01
CA ARG B 127 -41.28 44.36 1.27
C ARG B 127 -40.46 44.99 2.40
N TYR B 128 -39.46 45.80 2.04
CA TYR B 128 -38.62 46.47 3.02
C TYR B 128 -39.11 47.89 3.25
N GLY B 129 -40.27 48.21 2.65
CA GLY B 129 -40.85 49.53 2.80
C GLY B 129 -40.53 50.51 1.68
N PHE B 130 -39.82 50.05 0.66
CA PHE B 130 -39.47 50.95 -0.43
C PHE B 130 -40.63 51.13 -1.38
N VAL B 131 -40.73 52.32 -1.96
CA VAL B 131 -41.78 52.66 -2.91
C VAL B 131 -41.19 53.34 -4.14
N ALA B 132 -41.62 52.92 -5.31
CA ALA B 132 -41.15 53.52 -6.54
C ALA B 132 -41.42 55.02 -6.47
N VAL B 133 -40.49 55.82 -7.02
CA VAL B 133 -40.63 57.28 -7.06
C VAL B 133 -40.23 57.82 -8.40
N THR B 134 -39.92 56.93 -9.33
CA THR B 134 -39.56 57.33 -10.68
C THR B 134 -40.09 56.31 -11.68
N GLU B 135 -40.05 56.67 -12.95
CA GLU B 135 -40.46 55.76 -14.00
C GLU B 135 -39.24 54.85 -14.20
N VAL B 136 -39.41 53.76 -14.94
CA VAL B 136 -38.30 52.87 -15.16
C VAL B 136 -37.37 53.53 -16.18
N TYR B 137 -36.06 53.38 -15.97
CA TYR B 137 -35.06 53.94 -16.89
C TYR B 137 -34.03 52.85 -17.08
N LEU B 138 -33.09 53.06 -18.00
CA LEU B 138 -32.09 52.04 -18.26
C LEU B 138 -30.72 52.37 -17.68
N GLU B 139 -30.03 51.33 -17.21
CA GLU B 139 -28.71 51.48 -16.63
C GLU B 139 -27.89 50.38 -17.29
N ASP B 140 -27.41 50.70 -18.49
CA ASP B 140 -26.63 49.79 -19.33
C ASP B 140 -27.52 48.70 -19.91
N ASP B 141 -28.67 49.15 -20.40
CA ASP B 141 -29.68 48.33 -21.03
C ASP B 141 -30.40 47.33 -20.14
N ILE B 142 -30.36 47.57 -18.84
CA ILE B 142 -31.07 46.72 -17.90
C ILE B 142 -31.99 47.70 -17.16
N PRO B 143 -33.31 47.52 -17.31
CA PRO B 143 -34.31 48.39 -16.68
C PRO B 143 -34.31 48.52 -15.16
N HIS B 144 -34.08 49.74 -14.67
CA HIS B 144 -34.08 50.04 -13.24
C HIS B 144 -35.22 50.97 -12.87
N ILE B 145 -35.42 51.13 -11.57
CA ILE B 145 -36.46 52.01 -11.07
C ILE B 145 -35.99 52.61 -9.75
N GLY B 146 -36.27 53.90 -9.53
CA GLY B 146 -35.85 54.53 -8.31
C GLY B 146 -36.86 54.24 -7.23
N ARG B 148 -37.71 54.86 -2.78
CA ARG B 148 -37.34 55.47 -1.50
C ARG B 148 -38.16 54.93 -0.33
N ARG B 149 -37.48 54.83 0.82
CA ARG B 149 -38.06 54.34 2.05
C ARG B 149 -38.02 55.46 3.09
N ALA B 150 -39.17 55.71 3.72
CA ALA B 150 -39.29 56.74 4.75
C ALA B 150 -38.20 56.61 5.82
N SER C 2 5.25 71.88 -13.74
CA SER C 2 3.93 71.62 -14.36
C SER C 2 3.46 70.19 -14.01
N LEU C 3 4.24 69.19 -14.43
CA LEU C 3 3.90 67.80 -14.15
C LEU C 3 4.68 67.25 -12.96
N ASP C 4 3.96 66.76 -11.96
CA ASP C 4 4.59 66.19 -10.78
C ASP C 4 4.67 64.67 -10.93
N TRP C 5 5.89 64.15 -10.94
CA TRP C 5 6.08 62.71 -11.09
C TRP C 5 6.44 62.11 -9.76
N THR C 6 6.01 60.87 -9.56
CA THR C 6 6.31 60.17 -8.33
C THR C 6 6.25 58.66 -8.58
N CYS C 7 7.11 57.93 -7.88
CA CYS C 7 7.17 56.49 -8.01
C CYS C 7 7.18 55.95 -6.60
N LYS C 8 6.05 55.38 -6.15
CA LYS C 8 5.95 54.88 -4.79
C LYS C 8 5.78 53.38 -4.64
N HIS C 9 6.33 52.86 -3.55
CA HIS C 9 6.22 51.47 -3.19
C HIS C 9 4.76 51.39 -2.74
N HIS C 10 4.07 50.31 -3.09
CA HIS C 10 2.66 50.17 -2.76
C HIS C 10 2.30 50.45 -1.32
N ALA C 11 3.23 50.22 -0.40
CA ALA C 11 2.95 50.45 1.00
C ALA C 11 2.85 51.92 1.38
N ASP C 12 3.38 52.80 0.54
CA ASP C 12 3.31 54.24 0.82
C ASP C 12 2.13 54.94 0.17
N LEU C 13 1.32 54.18 -0.56
CA LEU C 13 0.18 54.77 -1.26
C LEU C 13 -0.87 55.32 -0.30
N THR C 14 -1.50 56.42 -0.71
CA THR C 14 -2.57 56.98 0.09
C THR C 14 -3.82 56.38 -0.50
N LEU C 15 -4.91 56.38 0.27
CA LEU C 15 -6.16 55.84 -0.24
C LEU C 15 -6.44 56.59 -1.54
N LYS C 16 -6.37 57.91 -1.46
CA LYS C 16 -6.63 58.76 -2.61
C LYS C 16 -5.81 58.34 -3.85
N GLU C 17 -4.51 58.07 -3.66
CA GLU C 17 -3.65 57.64 -4.75
C GLU C 17 -4.05 56.28 -5.33
N LEU C 18 -4.29 55.29 -4.48
CA LEU C 18 -4.68 53.94 -4.93
C LEU C 18 -5.99 54.05 -5.75
N TYR C 19 -6.95 54.78 -5.20
CA TYR C 19 -8.23 54.97 -5.85
C TYR C 19 -8.05 55.63 -7.20
N ALA C 20 -7.26 56.70 -7.24
CA ALA C 20 -7.05 57.42 -8.49
C ALA C 20 -6.38 56.56 -9.59
N LEU C 21 -5.43 55.73 -9.22
CA LEU C 21 -4.78 54.89 -10.22
C LEU C 21 -5.74 53.80 -10.72
N LEU C 22 -6.60 53.29 -9.84
CA LEU C 22 -7.55 52.28 -10.28
C LEU C 22 -8.62 52.97 -11.14
N GLN C 23 -8.96 54.21 -10.76
CA GLN C 23 -9.95 54.98 -11.50
C GLN C 23 -9.42 55.22 -12.92
N LEU C 24 -8.17 55.67 -13.03
CA LEU C 24 -7.60 55.92 -14.33
C LEU C 24 -7.51 54.62 -15.14
N ARG C 25 -6.99 53.56 -14.51
CA ARG C 25 -6.85 52.29 -15.20
C ARG C 25 -8.21 51.78 -15.71
N THR C 26 -9.22 51.81 -14.84
CA THR C 26 -10.54 51.36 -15.24
C THR C 26 -11.11 52.17 -16.39
N GLU C 27 -10.99 53.49 -16.29
CA GLU C 27 -11.49 54.41 -17.28
C GLU C 27 -11.00 54.09 -18.68
N VAL C 28 -9.75 53.67 -18.79
CA VAL C 28 -9.17 53.37 -20.09
C VAL C 28 -9.19 51.91 -20.55
N PHE C 29 -8.65 51.01 -19.73
CA PHE C 29 -8.61 49.59 -20.10
C PHE C 29 -9.97 48.92 -20.06
N VAL C 30 -10.84 49.38 -19.18
CA VAL C 30 -12.16 48.79 -19.10
C VAL C 30 -13.22 49.52 -19.89
N VAL C 31 -13.38 50.82 -19.62
CA VAL C 31 -14.43 51.57 -20.28
C VAL C 31 -14.20 51.97 -21.71
N GLU C 32 -13.16 52.75 -21.98
CA GLU C 32 -12.96 53.19 -23.34
C GLU C 32 -12.55 52.08 -24.29
N GLN C 33 -11.84 51.07 -23.79
CA GLN C 33 -11.45 49.96 -24.64
C GLN C 33 -12.54 48.88 -24.64
N LYS C 34 -13.63 49.19 -23.95
CA LYS C 34 -14.79 48.30 -23.84
C LYS C 34 -14.39 46.85 -23.57
N CYS C 35 -13.71 46.61 -22.46
CA CYS C 35 -13.27 45.27 -22.07
C CYS C 35 -13.59 44.99 -20.60
N PRO C 36 -14.67 44.24 -20.35
CA PRO C 36 -15.06 43.90 -18.98
C PRO C 36 -14.17 42.88 -18.29
N TYR C 37 -12.92 43.23 -18.00
CA TYR C 37 -12.05 42.28 -17.34
C TYR C 37 -11.80 42.74 -15.91
N GLN C 38 -11.18 41.87 -15.11
CA GLN C 38 -10.89 42.17 -13.71
C GLN C 38 -9.65 43.05 -13.59
N GLU C 39 -9.90 44.34 -13.70
CA GLU C 39 -8.85 45.35 -13.60
C GLU C 39 -8.05 45.23 -12.31
N VAL C 40 -8.74 44.94 -11.21
CA VAL C 40 -8.11 44.86 -9.92
C VAL C 40 -7.58 43.44 -9.78
N ASP C 41 -6.41 43.20 -10.37
CA ASP C 41 -5.81 41.88 -10.45
C ASP C 41 -5.08 41.28 -9.25
N GLY C 42 -4.95 42.01 -8.16
CA GLY C 42 -4.27 41.44 -7.01
C GLY C 42 -2.76 41.60 -7.01
N LEU C 43 -2.19 42.29 -7.99
CA LEU C 43 -0.75 42.47 -8.04
C LEU C 43 -0.32 43.88 -7.58
N ASP C 44 -1.30 44.70 -7.20
CA ASP C 44 -1.02 46.07 -6.80
C ASP C 44 -0.47 46.29 -5.40
N LEU C 45 -0.89 45.47 -4.45
CA LEU C 45 -0.44 45.64 -3.08
C LEU C 45 0.39 44.47 -2.57
N VAL C 46 1.32 43.98 -3.38
CA VAL C 46 2.13 42.87 -2.92
C VAL C 46 3.62 43.07 -3.09
N GLY C 47 4.37 42.33 -2.27
CA GLY C 47 5.82 42.38 -2.29
C GLY C 47 6.37 43.78 -2.44
N ASP C 48 7.05 44.01 -3.55
CA ASP C 48 7.64 45.30 -3.79
C ASP C 48 7.15 46.00 -5.04
N THR C 49 5.91 45.75 -5.46
CA THR C 49 5.46 46.44 -6.68
C THR C 49 5.45 47.94 -6.49
N HIS C 50 5.76 48.65 -7.56
CA HIS C 50 5.81 50.09 -7.51
C HIS C 50 4.80 50.66 -8.49
N HIS C 51 4.40 51.89 -8.23
CA HIS C 51 3.45 52.61 -9.05
C HIS C 51 4.09 53.93 -9.39
N LEU C 52 4.09 54.24 -10.69
CA LEU C 52 4.65 55.48 -11.22
C LEU C 52 3.46 56.38 -11.56
N ALA C 54 1.95 60.45 -12.71
CA ALA C 54 2.15 61.82 -13.16
C ALA C 54 0.87 62.57 -12.80
N TRP C 55 1.00 63.61 -11.98
CA TRP C 55 -0.15 64.43 -11.54
C TRP C 55 -0.12 65.90 -11.98
N ARG C 56 -1.30 66.51 -11.97
CA ARG C 56 -1.44 67.93 -12.30
C ARG C 56 -2.86 68.38 -12.00
N ASP C 57 -2.97 69.52 -11.33
CA ASP C 57 -4.27 70.06 -10.99
C ASP C 57 -5.13 68.97 -10.34
N GLY C 58 -4.55 68.25 -9.39
CA GLY C 58 -5.29 67.20 -8.69
C GLY C 58 -5.83 66.03 -9.52
N GLN C 59 -5.24 65.81 -10.68
CA GLN C 59 -5.66 64.70 -11.56
C GLN C 59 -4.47 63.80 -11.92
N LEU C 60 -4.75 62.51 -12.07
CA LEU C 60 -3.75 61.52 -12.44
C LEU C 60 -3.77 61.48 -13.96
N LEU C 61 -2.69 61.90 -14.60
CA LEU C 61 -2.69 61.91 -16.05
C LEU C 61 -1.95 60.75 -16.69
N ALA C 62 -0.94 60.24 -16.02
CA ALA C 62 -0.17 59.12 -16.55
C ALA C 62 0.20 58.13 -15.45
N TYR C 63 0.28 56.85 -15.83
CA TYR C 63 0.58 55.81 -14.86
C TYR C 63 1.07 54.52 -15.48
N LEU C 64 1.87 53.80 -14.72
CA LEU C 64 2.35 52.48 -15.12
C LEU C 64 2.77 51.72 -13.86
N ARG C 65 2.75 50.40 -13.95
CA ARG C 65 3.10 49.58 -12.81
C ARG C 65 4.38 48.76 -13.03
N LEU C 66 5.09 48.50 -11.93
CA LEU C 66 6.32 47.71 -11.92
C LEU C 66 6.21 46.57 -10.90
N LEU C 67 6.41 45.35 -11.38
CA LEU C 67 6.39 44.16 -10.51
C LEU C 67 7.84 43.79 -10.18
N ASP C 68 8.13 43.44 -8.92
CA ASP C 68 9.50 43.07 -8.55
C ASP C 68 9.87 41.67 -9.08
N PRO C 69 11.11 41.49 -9.58
CA PRO C 69 11.67 40.25 -10.16
C PRO C 69 11.66 38.95 -9.37
N VAL C 70 11.82 38.97 -8.06
CA VAL C 70 11.78 37.71 -7.34
C VAL C 70 10.42 37.03 -7.55
N ARG C 71 9.38 37.83 -7.73
CA ARG C 71 8.03 37.31 -7.91
C ARG C 71 7.68 37.04 -9.36
N HIS C 72 8.61 37.35 -10.26
CA HIS C 72 8.35 37.15 -11.68
C HIS C 72 9.53 36.55 -12.42
N GLU C 73 10.02 35.46 -11.86
CA GLU C 73 11.10 34.69 -12.44
C GLU C 73 12.31 35.48 -12.94
N GLY C 74 12.79 36.40 -12.11
CA GLY C 74 13.95 37.18 -12.49
C GLY C 74 13.75 38.32 -13.46
N GLN C 75 12.50 38.73 -13.70
CA GLN C 75 12.26 39.85 -14.60
C GLN C 75 11.36 40.92 -13.93
N VAL C 76 11.74 42.19 -14.01
CA VAL C 76 10.88 43.21 -13.44
C VAL C 76 9.85 43.41 -14.55
N VAL C 77 8.57 43.33 -14.22
CA VAL C 77 7.52 43.48 -15.22
C VAL C 77 6.89 44.86 -15.27
N ILE C 78 6.76 45.38 -16.48
CA ILE C 78 6.13 46.67 -16.69
C ILE C 78 4.75 46.40 -17.24
N GLY C 79 3.75 47.11 -16.75
CA GLY C 79 2.39 46.88 -17.21
C GLY C 79 1.42 47.97 -16.80
N ARG C 80 0.18 47.83 -17.27
CA ARG C 80 -0.86 48.79 -16.97
C ARG C 80 -0.45 50.24 -17.32
N VAL C 81 0.27 50.39 -18.44
CA VAL C 81 0.73 51.70 -18.89
C VAL C 81 -0.46 52.46 -19.46
N VAL C 82 -0.84 53.55 -18.79
CA VAL C 82 -1.98 54.33 -19.21
C VAL C 82 -1.77 55.83 -19.11
N SER C 83 -2.51 56.57 -19.93
CA SER C 83 -2.47 58.02 -19.94
C SER C 83 -3.89 58.50 -20.14
N SER C 84 -4.25 59.57 -19.44
CA SER C 84 -5.58 60.13 -19.57
C SER C 84 -5.83 60.58 -21.00
N SER C 85 -7.02 60.30 -21.51
CA SER C 85 -7.40 60.64 -22.88
C SER C 85 -7.04 62.06 -23.34
N ALA C 86 -7.29 63.05 -22.48
CA ALA C 86 -7.00 64.44 -22.81
C ALA C 86 -5.51 64.69 -22.82
N ALA C 87 -4.78 64.00 -21.94
CA ALA C 87 -3.35 64.18 -21.82
C ALA C 87 -2.51 63.49 -22.90
N ARG C 88 -3.14 62.70 -23.76
CA ARG C 88 -2.39 62.01 -24.80
C ARG C 88 -1.93 62.96 -25.89
N GLY C 89 -0.81 62.64 -26.51
CA GLY C 89 -0.29 63.48 -27.58
C GLY C 89 0.80 64.45 -27.18
N GLN C 90 0.92 64.73 -25.88
CA GLN C 90 1.95 65.65 -25.41
C GLN C 90 3.23 64.89 -25.09
N GLY C 91 3.30 63.64 -25.56
CA GLY C 91 4.47 62.80 -25.35
C GLY C 91 4.63 62.14 -23.99
N LEU C 92 3.51 61.95 -23.28
CA LEU C 92 3.57 61.29 -21.97
C LEU C 92 4.07 59.86 -22.14
N GLY C 93 3.77 59.27 -23.29
CA GLY C 93 4.19 57.92 -23.58
C GLY C 93 5.69 57.71 -23.39
N HIS C 94 6.49 58.57 -24.00
CA HIS C 94 7.94 58.48 -23.88
C HIS C 94 8.39 58.64 -22.42
N GLN C 95 7.86 59.65 -21.73
CA GLN C 95 8.24 59.90 -20.35
C GLN C 95 7.93 58.73 -19.41
N LEU C 96 6.81 58.06 -19.66
CA LEU C 96 6.42 56.91 -18.85
C LEU C 96 7.46 55.83 -19.01
N GLU C 98 10.43 55.94 -20.26
CA GLU C 98 11.73 56.43 -19.81
C GLU C 98 11.88 56.42 -18.30
N ARG C 99 10.89 56.97 -17.62
CA ARG C 99 10.94 57.01 -16.16
C ARG C 99 10.81 55.63 -15.54
N ALA C 100 10.05 54.74 -16.19
CA ALA C 100 9.89 53.39 -15.66
C ALA C 100 11.24 52.66 -15.71
N LEU C 101 11.95 52.87 -16.81
CA LEU C 101 13.27 52.26 -17.00
C LEU C 101 14.25 52.88 -16.00
N GLN C 102 14.12 54.19 -15.83
CA GLN C 102 14.96 54.92 -14.90
C GLN C 102 14.68 54.36 -13.51
N ALA C 103 13.42 53.98 -13.26
CA ALA C 103 13.02 53.41 -11.98
C ALA C 103 13.45 51.94 -11.83
N ALA C 104 13.37 51.18 -12.92
CA ALA C 104 13.77 49.78 -12.85
C ALA C 104 15.25 49.62 -12.47
N GLU C 105 16.10 50.49 -13.01
CA GLU C 105 17.52 50.40 -12.72
C GLU C 105 17.90 50.77 -11.29
N ARG C 106 17.22 51.75 -10.71
CA ARG C 106 17.55 52.12 -9.34
C ARG C 106 17.00 51.13 -8.31
N LEU C 107 15.88 50.49 -8.60
CA LEU C 107 15.26 49.53 -7.69
C LEU C 107 15.82 48.12 -7.86
N TRP C 108 16.10 47.75 -9.09
CA TRP C 108 16.57 46.40 -9.40
C TRP C 108 17.66 46.43 -10.48
N LEU C 109 18.72 47.20 -10.20
CA LEU C 109 19.86 47.36 -11.10
C LEU C 109 20.31 46.10 -11.82
N ASP C 110 20.52 46.22 -13.13
CA ASP C 110 20.98 45.10 -13.96
C ASP C 110 19.98 43.97 -14.15
N THR C 111 18.73 44.18 -13.76
CA THR C 111 17.74 43.13 -13.93
C THR C 111 16.97 43.40 -15.22
N PRO C 112 16.73 42.35 -16.03
CA PRO C 112 16.01 42.61 -17.27
C PRO C 112 14.55 43.00 -17.02
N VAL C 113 13.97 43.72 -17.98
CA VAL C 113 12.59 44.18 -17.89
C VAL C 113 11.72 43.53 -18.98
N TYR C 114 10.47 43.23 -18.61
CA TYR C 114 9.52 42.60 -19.52
C TYR C 114 8.13 43.26 -19.52
N LEU C 115 7.50 43.25 -20.68
CA LEU C 115 6.18 43.82 -20.82
C LEU C 115 5.46 43.09 -21.94
N SER C 116 4.13 43.05 -21.86
CA SER C 116 3.32 42.43 -22.89
C SER C 116 2.96 43.60 -23.79
N ALA C 117 3.32 43.51 -25.07
CA ALA C 117 3.05 44.61 -26.00
C ALA C 117 2.04 44.27 -27.07
N GLN C 118 1.25 45.27 -27.46
CA GLN C 118 0.29 45.08 -28.53
C GLN C 118 1.20 44.72 -29.71
N ALA C 119 0.89 43.62 -30.38
CA ALA C 119 1.72 43.13 -31.47
C ALA C 119 2.02 44.10 -32.61
N HIS C 120 1.23 45.18 -32.74
CA HIS C 120 1.47 46.12 -33.82
C HIS C 120 2.41 47.29 -33.48
N LEU C 121 2.60 47.59 -32.19
CA LEU C 121 3.49 48.68 -31.81
C LEU C 121 4.82 48.14 -31.33
N GLN C 122 5.17 46.99 -31.87
CA GLN C 122 6.38 46.26 -31.57
C GLN C 122 7.64 47.12 -31.81
N ALA C 123 7.63 47.92 -32.87
CA ALA C 123 8.78 48.75 -33.17
C ALA C 123 8.97 49.84 -32.14
N TYR C 124 7.87 50.44 -31.71
CA TYR C 124 7.92 51.49 -30.71
C TYR C 124 8.70 51.06 -29.47
N TYR C 125 8.55 49.80 -29.11
CA TYR C 125 9.22 49.27 -27.94
C TYR C 125 10.68 48.93 -28.23
N GLY C 126 10.97 48.71 -29.51
CA GLY C 126 12.34 48.42 -29.88
C GLY C 126 13.19 49.61 -29.49
N ARG C 127 12.68 50.82 -29.72
CA ARG C 127 13.39 52.05 -29.41
C ARG C 127 14.02 52.00 -28.02
N TYR C 128 13.36 51.31 -27.09
CA TYR C 128 13.85 51.25 -25.73
C TYR C 128 14.67 50.00 -25.42
N GLY C 129 14.97 49.22 -26.46
CA GLY C 129 15.78 48.04 -26.29
C GLY C 129 14.99 46.75 -26.09
N PHE C 130 13.68 46.79 -26.30
CA PHE C 130 12.87 45.58 -26.14
C PHE C 130 12.90 44.70 -27.37
N VAL C 131 12.94 43.39 -27.10
CA VAL C 131 12.97 42.39 -28.16
C VAL C 131 11.87 41.37 -27.93
N ALA C 132 11.24 40.93 -29.01
CA ALA C 132 10.18 39.96 -28.92
C ALA C 132 10.71 38.62 -28.40
N VAL C 133 10.02 38.03 -27.43
CA VAL C 133 10.44 36.74 -26.87
C VAL C 133 9.31 35.73 -26.84
N THR C 134 8.21 36.03 -27.52
CA THR C 134 7.11 35.09 -27.56
C THR C 134 6.45 35.14 -28.91
N GLU C 135 5.62 34.12 -29.15
CA GLU C 135 4.84 33.99 -30.37
C GLU C 135 3.72 35.02 -30.12
N VAL C 136 2.92 35.35 -31.13
CA VAL C 136 1.83 36.31 -30.91
C VAL C 136 0.66 35.62 -30.18
N TYR C 137 0.00 36.36 -29.30
CA TYR C 137 -1.15 35.82 -28.56
C TYR C 137 -2.21 36.90 -28.42
N LEU C 138 -3.41 36.49 -28.03
CA LEU C 138 -4.51 37.43 -27.91
C LEU C 138 -4.81 37.89 -26.49
N GLU C 139 -5.32 39.10 -26.37
CA GLU C 139 -5.72 39.70 -25.09
C GLU C 139 -7.01 40.48 -25.42
N ASP C 140 -8.16 39.94 -25.01
CA ASP C 140 -9.45 40.57 -25.33
C ASP C 140 -9.44 40.90 -26.81
N ASP C 141 -9.25 39.85 -27.60
CA ASP C 141 -9.21 39.98 -29.05
C ASP C 141 -8.23 40.97 -29.66
N ILE C 142 -7.26 41.43 -28.88
CA ILE C 142 -6.24 42.31 -29.47
C ILE C 142 -4.92 41.55 -29.37
N PRO C 143 -4.29 41.27 -30.52
CA PRO C 143 -3.03 40.54 -30.52
C PRO C 143 -1.86 41.25 -29.85
N HIS C 144 -1.14 40.50 -29.02
CA HIS C 144 0.01 41.00 -28.26
C HIS C 144 1.20 40.11 -28.46
N ILE C 145 2.31 40.49 -27.84
CA ILE C 145 3.54 39.73 -27.93
C ILE C 145 4.43 40.09 -26.75
N GLY C 146 5.08 39.09 -26.15
CA GLY C 146 5.95 39.35 -25.01
C GLY C 146 7.28 39.88 -25.47
N ARG C 148 11.24 41.47 -23.99
CA ARG C 148 12.13 41.76 -22.86
C ARG C 148 13.27 42.69 -23.27
N ARG C 149 13.76 43.44 -22.29
CA ARG C 149 14.85 44.36 -22.49
C ARG C 149 15.91 43.82 -21.53
N ALA C 150 17.03 43.37 -22.09
CA ALA C 150 18.09 42.79 -21.25
C ALA C 150 18.75 43.79 -20.33
N LEU D 3 -27.10 26.86 -8.90
CA LEU D 3 -26.40 25.80 -8.11
C LEU D 3 -26.68 24.43 -8.72
N ASP D 4 -25.82 23.98 -9.62
CA ASP D 4 -26.01 22.68 -10.25
C ASP D 4 -25.40 21.53 -9.49
N TRP D 5 -26.15 20.45 -9.34
CA TRP D 5 -25.65 19.28 -8.66
C TRP D 5 -25.47 18.17 -9.70
N THR D 6 -24.60 17.22 -9.40
CA THR D 6 -24.32 16.10 -10.29
C THR D 6 -23.59 15.04 -9.50
N CYS D 7 -24.05 13.80 -9.61
CA CYS D 7 -23.42 12.70 -8.90
C CYS D 7 -22.87 11.81 -10.00
N LYS D 8 -21.61 12.00 -10.35
CA LYS D 8 -21.01 11.23 -11.42
C LYS D 8 -20.15 10.03 -11.03
N HIS D 9 -20.19 9.03 -11.91
CA HIS D 9 -19.42 7.81 -11.79
C HIS D 9 -18.04 8.22 -12.28
N HIS D 10 -17.00 7.87 -11.54
CA HIS D 10 -15.64 8.23 -11.91
C HIS D 10 -15.30 8.04 -13.39
N ALA D 11 -15.97 7.11 -14.06
CA ALA D 11 -15.68 6.90 -15.47
C ALA D 11 -16.20 8.03 -16.37
N ASP D 12 -17.15 8.81 -15.88
CA ASP D 12 -17.74 9.90 -16.67
C ASP D 12 -17.15 11.27 -16.41
N LEU D 13 -16.24 11.36 -15.45
CA LEU D 13 -15.62 12.63 -15.10
C LEU D 13 -14.79 13.17 -16.26
N THR D 14 -14.67 14.48 -16.30
CA THR D 14 -13.83 15.13 -17.30
C THR D 14 -12.52 15.46 -16.58
N LEU D 15 -11.47 15.77 -17.34
CA LEU D 15 -10.21 16.12 -16.72
C LEU D 15 -10.43 17.31 -15.78
N LYS D 16 -11.20 18.31 -16.23
CA LYS D 16 -11.41 19.44 -15.36
C LYS D 16 -12.18 19.10 -14.10
N GLU D 17 -13.19 18.26 -14.19
CA GLU D 17 -13.94 17.91 -12.99
C GLU D 17 -13.02 17.23 -11.96
N LEU D 18 -12.31 16.21 -12.42
CA LEU D 18 -11.39 15.47 -11.58
C LEU D 18 -10.39 16.46 -10.98
N TYR D 19 -9.86 17.33 -11.83
CA TYR D 19 -8.89 18.31 -11.39
C TYR D 19 -9.44 19.21 -10.31
N ALA D 20 -10.62 19.77 -10.58
CA ALA D 20 -11.32 20.68 -9.67
C ALA D 20 -11.59 20.05 -8.31
N LEU D 21 -12.02 18.80 -8.32
CA LEU D 21 -12.32 18.13 -7.06
C LEU D 21 -11.07 17.85 -6.23
N LEU D 22 -10.00 17.39 -6.87
CA LEU D 22 -8.75 17.14 -6.13
C LEU D 22 -8.18 18.49 -5.64
N GLN D 23 -8.45 19.56 -6.39
CA GLN D 23 -7.98 20.88 -6.00
C GLN D 23 -8.75 21.32 -4.76
N LEU D 24 -10.06 21.07 -4.76
CA LEU D 24 -10.88 21.45 -3.63
C LEU D 24 -10.48 20.72 -2.35
N ARG D 25 -10.28 19.42 -2.47
CA ARG D 25 -9.91 18.58 -1.33
C ARG D 25 -8.58 18.97 -0.71
N THR D 26 -7.60 19.27 -1.55
CA THR D 26 -6.28 19.67 -1.09
C THR D 26 -6.35 21.03 -0.38
N GLU D 27 -7.11 21.94 -0.98
CA GLU D 27 -7.27 23.29 -0.46
C GLU D 27 -7.77 23.25 0.98
N VAL D 28 -8.74 22.38 1.23
CA VAL D 28 -9.35 22.21 2.55
C VAL D 28 -8.68 21.15 3.43
N PHE D 29 -8.64 19.90 2.97
CA PHE D 29 -8.03 18.84 3.81
C PHE D 29 -6.53 18.94 3.96
N VAL D 30 -5.84 19.40 2.92
CA VAL D 30 -4.41 19.53 3.05
C VAL D 30 -4.04 20.91 3.58
N VAL D 31 -4.31 21.94 2.78
CA VAL D 31 -3.95 23.29 3.15
C VAL D 31 -4.60 23.86 4.41
N GLU D 32 -5.84 24.31 4.30
CA GLU D 32 -6.44 24.92 5.47
C GLU D 32 -6.47 24.07 6.75
N GLN D 33 -6.36 22.76 6.62
CA GLN D 33 -6.36 21.90 7.81
C GLN D 33 -4.95 21.49 8.18
N LYS D 34 -3.99 21.94 7.39
CA LYS D 34 -2.59 21.66 7.67
C LYS D 34 -2.30 20.19 7.93
N CYS D 35 -2.69 19.34 6.98
CA CYS D 35 -2.49 17.91 7.11
C CYS D 35 -1.76 17.40 5.89
N PRO D 36 -0.42 17.38 5.95
CA PRO D 36 0.39 16.92 4.82
C PRO D 36 0.25 15.41 4.60
N TYR D 37 -0.93 14.99 4.16
CA TYR D 37 -1.20 13.56 3.92
C TYR D 37 -1.50 13.30 2.45
N GLN D 38 -1.60 12.03 2.07
CA GLN D 38 -1.86 11.68 0.68
C GLN D 38 -3.32 11.84 0.26
N GLU D 39 -3.69 13.05 -0.15
CA GLU D 39 -5.06 13.35 -0.57
C GLU D 39 -5.49 12.47 -1.71
N VAL D 40 -4.57 12.18 -2.62
CA VAL D 40 -4.84 11.32 -3.77
C VAL D 40 -4.62 9.88 -3.31
N ASP D 41 -5.63 9.27 -2.71
CA ASP D 41 -5.49 7.92 -2.17
C ASP D 41 -5.70 6.73 -3.09
N GLY D 42 -6.09 6.96 -4.33
CA GLY D 42 -6.32 5.85 -5.24
C GLY D 42 -7.71 5.26 -5.15
N LEU D 43 -8.56 5.81 -4.29
CA LEU D 43 -9.90 5.29 -4.15
C LEU D 43 -10.86 6.02 -5.06
N ASP D 44 -10.30 6.90 -5.89
CA ASP D 44 -11.08 7.74 -6.79
C ASP D 44 -11.54 7.21 -8.14
N LEU D 45 -10.68 6.49 -8.83
CA LEU D 45 -11.05 5.98 -10.15
C LEU D 45 -11.08 4.45 -10.20
N VAL D 46 -11.73 3.84 -9.21
CA VAL D 46 -11.87 2.40 -9.12
C VAL D 46 -13.31 2.01 -8.81
N GLY D 47 -13.61 0.72 -8.99
CA GLY D 47 -14.95 0.20 -8.74
C GLY D 47 -16.07 1.04 -9.34
N ASP D 48 -16.98 1.47 -8.48
CA ASP D 48 -18.10 2.29 -8.91
C ASP D 48 -18.19 3.54 -8.02
N THR D 49 -17.06 3.97 -7.49
CA THR D 49 -17.05 5.14 -6.64
C THR D 49 -17.66 6.28 -7.43
N HIS D 50 -18.52 7.05 -6.78
CA HIS D 50 -19.18 8.18 -7.42
C HIS D 50 -18.72 9.48 -6.81
N HIS D 51 -18.93 10.57 -7.54
CA HIS D 51 -18.51 11.88 -7.08
C HIS D 51 -19.66 12.87 -7.09
N LEU D 52 -20.07 13.30 -5.90
CA LEU D 52 -21.15 14.26 -5.77
C LEU D 52 -20.53 15.67 -5.81
N ALA D 54 -21.28 20.06 -6.64
CA ALA D 54 -22.20 21.20 -6.77
C ALA D 54 -21.40 22.39 -7.34
N TRP D 55 -21.81 22.88 -8.52
CA TRP D 55 -21.14 23.99 -9.19
C TRP D 55 -21.98 25.26 -9.31
N ARG D 56 -21.30 26.39 -9.44
CA ARG D 56 -21.92 27.71 -9.60
C ARG D 56 -20.86 28.73 -10.04
N ASP D 57 -21.10 29.39 -11.18
CA ASP D 57 -20.16 30.40 -11.70
C ASP D 57 -18.85 29.73 -12.09
N GLY D 58 -18.93 28.46 -12.50
CA GLY D 58 -17.74 27.75 -12.90
C GLY D 58 -16.85 27.37 -11.72
N GLN D 59 -17.42 27.33 -10.54
CA GLN D 59 -16.67 26.96 -9.34
C GLN D 59 -17.29 25.77 -8.65
N LEU D 60 -16.42 24.89 -8.15
CA LEU D 60 -16.85 23.72 -7.39
C LEU D 60 -17.01 24.22 -5.97
N LEU D 61 -18.24 24.28 -5.47
CA LEU D 61 -18.50 24.76 -4.12
C LEU D 61 -18.66 23.71 -3.05
N ALA D 62 -19.15 22.54 -3.43
CA ALA D 62 -19.34 21.46 -2.47
C ALA D 62 -19.09 20.14 -3.16
N TYR D 63 -18.58 19.17 -2.41
CA TYR D 63 -18.25 17.85 -2.95
C TYR D 63 -18.21 16.80 -1.86
N LEU D 64 -18.44 15.55 -2.27
CA LEU D 64 -18.35 14.40 -1.38
C LEU D 64 -18.17 13.17 -2.25
N ARG D 65 -17.57 12.13 -1.69
CA ARG D 65 -17.29 10.90 -2.43
C ARG D 65 -18.01 9.67 -1.88
N LEU D 66 -18.55 8.86 -2.79
CA LEU D 66 -19.25 7.63 -2.41
C LEU D 66 -18.51 6.41 -2.95
N LEU D 67 -18.03 5.58 -2.04
CA LEU D 67 -17.30 4.36 -2.39
C LEU D 67 -18.29 3.21 -2.36
N ASP D 68 -18.28 2.40 -3.42
CA ASP D 68 -19.20 1.27 -3.53
C ASP D 68 -18.91 0.13 -2.55
N PRO D 69 -19.96 -0.63 -2.20
CA PRO D 69 -19.87 -1.76 -1.26
C PRO D 69 -19.10 -3.00 -1.65
N VAL D 70 -18.96 -3.33 -2.93
CA VAL D 70 -18.21 -4.53 -3.24
C VAL D 70 -16.71 -4.42 -2.98
N ARG D 71 -16.16 -3.19 -2.97
CA ARG D 71 -14.73 -2.96 -2.71
C ARG D 71 -14.46 -2.48 -1.29
N HIS D 72 -15.52 -2.34 -0.49
CA HIS D 72 -15.32 -1.88 0.87
C HIS D 72 -16.18 -2.60 1.87
N GLU D 73 -15.94 -3.90 2.00
CA GLU D 73 -16.67 -4.75 2.93
C GLU D 73 -18.18 -4.52 2.92
N GLY D 74 -18.78 -4.67 1.75
CA GLY D 74 -20.22 -4.50 1.63
C GLY D 74 -20.76 -3.38 2.49
N GLN D 75 -20.41 -2.16 2.12
CA GLN D 75 -20.84 -0.97 2.84
C GLN D 75 -20.66 0.23 1.92
N VAL D 76 -21.59 1.17 1.92
CA VAL D 76 -21.38 2.34 1.11
C VAL D 76 -20.54 3.20 2.04
N VAL D 77 -19.43 3.75 1.52
CA VAL D 77 -18.56 4.59 2.32
C VAL D 77 -18.58 6.04 1.85
N ILE D 78 -19.17 6.91 2.66
CA ILE D 78 -19.20 8.32 2.34
C ILE D 78 -17.92 8.96 2.87
N GLY D 79 -17.33 9.85 2.08
CA GLY D 79 -16.09 10.49 2.51
C GLY D 79 -15.70 11.74 1.73
N ARG D 80 -14.62 12.38 2.18
CA ARG D 80 -14.11 13.60 1.57
C ARG D 80 -15.20 14.66 1.49
N VAL D 81 -16.10 14.67 2.46
CA VAL D 81 -17.19 15.62 2.47
C VAL D 81 -16.60 17.02 2.66
N VAL D 82 -16.95 17.95 1.79
CA VAL D 82 -16.35 19.28 1.88
C VAL D 82 -17.06 20.38 1.11
N SER D 83 -16.89 21.61 1.57
CA SER D 83 -17.46 22.75 0.88
C SER D 83 -16.47 23.90 0.89
N SER D 84 -16.40 24.61 -0.23
CA SER D 84 -15.51 25.75 -0.36
C SER D 84 -15.74 26.71 0.81
N SER D 85 -14.67 27.34 1.26
CA SER D 85 -14.76 28.26 2.39
C SER D 85 -15.83 29.34 2.28
N ALA D 86 -15.86 30.04 1.14
CA ALA D 86 -16.81 31.13 0.93
C ALA D 86 -18.26 30.67 0.85
N ALA D 87 -18.46 29.42 0.47
CA ALA D 87 -19.81 28.88 0.33
C ALA D 87 -20.41 28.31 1.61
N ARG D 88 -19.63 28.24 2.68
CA ARG D 88 -20.14 27.67 3.92
C ARG D 88 -21.17 28.53 4.65
N GLY D 89 -21.96 27.88 5.50
CA GLY D 89 -22.98 28.57 6.28
C GLY D 89 -24.33 28.71 5.60
N GLN D 90 -24.35 28.47 4.29
CA GLN D 90 -25.57 28.59 3.51
C GLN D 90 -26.48 27.38 3.70
N GLY D 91 -25.87 26.22 3.92
CA GLY D 91 -26.64 25.01 4.09
C GLY D 91 -26.21 23.96 3.08
N LEU D 92 -25.10 24.21 2.39
CA LEU D 92 -24.60 23.26 1.40
C LEU D 92 -24.19 21.97 2.09
N GLY D 93 -23.73 22.08 3.32
CA GLY D 93 -23.35 20.89 4.06
C GLY D 93 -24.55 19.97 4.17
N HIS D 94 -25.64 20.53 4.68
CA HIS D 94 -26.91 19.83 4.83
C HIS D 94 -27.43 19.29 3.50
N GLN D 95 -27.37 20.14 2.47
CA GLN D 95 -27.83 19.76 1.13
C GLN D 95 -26.97 18.66 0.52
N LEU D 96 -25.72 18.58 0.98
CA LEU D 96 -24.78 17.57 0.49
C LEU D 96 -25.13 16.23 1.11
N GLU D 98 -27.87 15.17 2.58
CA GLU D 98 -29.17 14.68 2.12
C GLU D 98 -29.13 14.11 0.72
N ARG D 99 -28.42 14.81 -0.18
CA ARG D 99 -28.30 14.37 -1.57
C ARG D 99 -27.42 13.12 -1.71
N ALA D 100 -26.47 12.98 -0.79
CA ALA D 100 -25.58 11.84 -0.81
C ALA D 100 -26.33 10.58 -0.39
N LEU D 101 -27.08 10.68 0.71
CA LEU D 101 -27.86 9.56 1.20
C LEU D 101 -28.81 9.16 0.08
N GLN D 102 -29.41 10.15 -0.56
CA GLN D 102 -30.33 9.85 -1.65
C GLN D 102 -29.56 9.11 -2.75
N ALA D 103 -28.38 9.61 -3.08
CA ALA D 103 -27.55 8.99 -4.12
C ALA D 103 -27.24 7.55 -3.76
N ALA D 104 -26.96 7.32 -2.47
CA ALA D 104 -26.62 6.01 -1.97
C ALA D 104 -27.81 5.06 -2.10
N GLU D 105 -28.98 5.56 -1.69
CA GLU D 105 -30.18 4.76 -1.74
C GLU D 105 -30.48 4.24 -3.14
N ARG D 106 -30.38 5.09 -4.16
CA ARG D 106 -30.68 4.63 -5.51
C ARG D 106 -29.58 3.81 -6.16
N LEU D 107 -28.35 3.98 -5.71
CA LEU D 107 -27.22 3.24 -6.29
C LEU D 107 -26.98 1.89 -5.59
N TRP D 108 -27.29 1.84 -4.30
CA TRP D 108 -27.08 0.63 -3.52
C TRP D 108 -28.21 0.49 -2.48
N LEU D 109 -29.45 0.40 -2.97
CA LEU D 109 -30.61 0.30 -2.09
C LEU D 109 -30.42 -0.69 -0.94
N ASP D 110 -30.74 -0.20 0.26
CA ASP D 110 -30.65 -0.99 1.50
C ASP D 110 -29.24 -1.37 1.97
N THR D 111 -28.21 -0.86 1.30
CA THR D 111 -26.87 -1.17 1.74
C THR D 111 -26.50 -0.14 2.82
N PRO D 112 -26.12 -0.61 4.02
CA PRO D 112 -25.76 0.37 5.05
C PRO D 112 -24.66 1.30 4.58
N VAL D 113 -24.68 2.53 5.09
CA VAL D 113 -23.69 3.53 4.71
C VAL D 113 -22.74 3.83 5.86
N TYR D 114 -21.45 3.87 5.57
CA TYR D 114 -20.48 4.14 6.61
C TYR D 114 -19.63 5.37 6.32
N LEU D 115 -19.20 6.04 7.37
CA LEU D 115 -18.35 7.19 7.19
C LEU D 115 -17.48 7.39 8.40
N SER D 116 -16.31 7.97 8.17
CA SER D 116 -15.37 8.24 9.25
C SER D 116 -15.49 9.73 9.56
N ALA D 117 -16.27 10.04 10.58
CA ALA D 117 -16.50 11.42 10.98
C ALA D 117 -15.39 12.00 11.85
N GLN D 118 -15.16 13.31 11.69
CA GLN D 118 -14.18 14.01 12.50
C GLN D 118 -14.79 14.12 13.89
N ALA D 119 -14.11 13.57 14.89
CA ALA D 119 -14.60 13.56 16.26
C ALA D 119 -15.50 14.73 16.65
N HIS D 120 -14.94 15.94 16.57
CA HIS D 120 -15.65 17.16 16.94
C HIS D 120 -17.00 17.39 16.29
N LEU D 121 -17.55 16.38 15.63
CA LEU D 121 -18.84 16.55 15.03
C LEU D 121 -19.66 15.29 14.77
N GLN D 122 -19.79 14.45 15.80
CA GLN D 122 -20.60 13.25 15.67
C GLN D 122 -22.02 13.77 15.56
N ALA D 123 -22.36 14.61 16.52
CA ALA D 123 -23.67 15.22 16.57
C ALA D 123 -24.17 15.57 15.18
N TYR D 124 -23.40 16.38 14.45
CA TYR D 124 -23.80 16.78 13.10
C TYR D 124 -24.29 15.60 12.24
N TYR D 125 -23.42 14.62 12.00
CA TYR D 125 -23.81 13.46 11.19
C TYR D 125 -24.87 12.61 11.88
N GLY D 126 -24.91 12.69 13.20
CA GLY D 126 -25.90 11.91 13.94
C GLY D 126 -27.32 12.12 13.45
N ARG D 127 -27.72 13.38 13.27
CA ARG D 127 -29.07 13.67 12.82
C ARG D 127 -29.43 13.25 11.42
N TYR D 128 -28.56 12.49 10.78
CA TYR D 128 -28.83 11.98 9.45
C TYR D 128 -28.91 10.48 9.62
N GLY D 129 -28.98 10.06 10.87
CA GLY D 129 -29.10 8.65 11.19
C GLY D 129 -27.83 7.91 11.57
N PHE D 130 -26.68 8.55 11.43
CA PHE D 130 -25.42 7.89 11.76
C PHE D 130 -25.22 7.72 13.26
N VAL D 131 -24.60 6.61 13.62
CA VAL D 131 -24.33 6.28 15.01
C VAL D 131 -22.89 5.79 15.17
N ALA D 132 -22.27 6.14 16.29
CA ALA D 132 -20.89 5.74 16.57
C ALA D 132 -20.75 4.23 16.82
N VAL D 133 -19.89 3.57 16.05
CA VAL D 133 -19.66 2.14 16.19
C VAL D 133 -18.22 1.86 16.60
N THR D 134 -17.40 2.91 16.64
CA THR D 134 -16.01 2.74 17.06
C THR D 134 -15.75 3.71 18.21
N GLU D 135 -14.54 3.65 18.73
CA GLU D 135 -14.15 4.56 19.80
C GLU D 135 -13.40 5.66 19.05
N VAL D 136 -13.13 6.76 19.73
CA VAL D 136 -12.40 7.85 19.08
C VAL D 136 -10.97 7.40 18.75
N TYR D 137 -10.49 7.77 17.56
CA TYR D 137 -9.15 7.39 17.15
C TYR D 137 -8.47 8.47 16.30
N LEU D 138 -7.15 8.44 16.29
CA LEU D 138 -6.36 9.43 15.56
C LEU D 138 -6.00 9.01 14.14
N GLU D 139 -6.33 9.88 13.18
CA GLU D 139 -6.04 9.63 11.77
C GLU D 139 -5.23 10.83 11.32
N ASP D 140 -3.95 10.62 11.01
CA ASP D 140 -3.06 11.70 10.58
C ASP D 140 -3.08 12.77 11.69
N ASP D 141 -2.98 12.32 12.93
CA ASP D 141 -2.98 13.21 14.09
C ASP D 141 -4.27 13.99 14.31
N ILE D 142 -5.36 13.58 13.66
CA ILE D 142 -6.65 14.25 13.82
C ILE D 142 -7.71 13.29 14.38
N PRO D 143 -8.37 13.67 15.49
CA PRO D 143 -9.40 12.79 16.08
C PRO D 143 -10.59 12.48 15.14
N HIS D 144 -10.91 11.19 15.03
CA HIS D 144 -11.99 10.73 14.18
C HIS D 144 -12.81 9.64 14.88
N ILE D 145 -14.00 9.38 14.36
CA ILE D 145 -14.83 8.31 14.90
C ILE D 145 -15.68 7.70 13.79
N GLY D 146 -15.65 6.37 13.69
CA GLY D 146 -16.40 5.65 12.67
C GLY D 146 -17.87 5.59 13.00
N ARG D 148 -22.06 4.56 11.22
CA ARG D 148 -22.84 3.97 10.14
C ARG D 148 -24.33 4.10 10.40
N ARG D 149 -25.12 3.94 9.35
CA ARG D 149 -26.56 4.02 9.45
C ARG D 149 -27.25 3.24 8.33
N ALA D 150 -28.56 3.04 8.48
CA ALA D 150 -29.39 2.33 7.50
C ALA D 150 -28.99 0.87 7.40
N SER E 2 25.47 -68.48 -4.45
CA SER E 2 24.21 -68.46 -5.26
C SER E 2 23.23 -67.42 -4.69
N LEU E 3 23.01 -66.34 -5.44
CA LEU E 3 22.11 -65.27 -5.02
C LEU E 3 21.30 -64.69 -6.17
N ASP E 4 20.03 -64.42 -5.92
CA ASP E 4 19.17 -63.83 -6.94
C ASP E 4 18.96 -62.35 -6.62
N TRP E 5 19.69 -61.50 -7.33
CA TRP E 5 19.57 -60.07 -7.12
C TRP E 5 18.41 -59.50 -7.90
N THR E 6 17.95 -58.34 -7.47
CA THR E 6 16.86 -57.65 -8.11
C THR E 6 16.98 -56.20 -7.69
N CYS E 7 16.57 -55.30 -8.57
CA CYS E 7 16.64 -53.88 -8.28
C CYS E 7 15.32 -53.31 -8.74
N LYS E 8 14.47 -52.94 -7.78
CA LYS E 8 13.16 -52.41 -8.13
C LYS E 8 12.88 -50.96 -7.83
N HIS E 9 12.05 -50.39 -8.67
CA HIS E 9 11.60 -49.03 -8.48
C HIS E 9 10.58 -49.29 -7.39
N HIS E 10 10.68 -48.54 -6.29
CA HIS E 10 9.77 -48.71 -5.17
C HIS E 10 8.34 -48.92 -5.64
N ALA E 11 8.07 -48.52 -6.87
CA ALA E 11 6.73 -48.67 -7.43
C ALA E 11 6.33 -50.13 -7.70
N ASP E 12 7.28 -50.96 -8.12
CA ASP E 12 6.96 -52.36 -8.44
C ASP E 12 7.09 -53.37 -7.29
N LEU E 13 7.66 -52.93 -6.17
CA LEU E 13 7.84 -53.77 -5.00
C LEU E 13 6.56 -54.50 -4.60
N THR E 14 6.69 -55.66 -3.98
CA THR E 14 5.53 -56.41 -3.49
C THR E 14 5.51 -56.24 -1.97
N LEU E 15 4.35 -56.46 -1.37
CA LEU E 15 4.24 -56.33 0.07
C LEU E 15 5.36 -57.14 0.71
N LYS E 16 5.54 -58.38 0.25
CA LYS E 16 6.57 -59.26 0.79
C LYS E 16 7.92 -58.56 0.73
N GLU E 17 8.17 -57.93 -0.42
CA GLU E 17 9.43 -57.24 -0.65
C GLU E 17 9.65 -56.07 0.30
N LEU E 18 8.66 -55.19 0.37
CA LEU E 18 8.77 -54.04 1.25
C LEU E 18 8.97 -54.53 2.69
N TYR E 19 8.17 -55.52 3.08
CA TYR E 19 8.24 -56.06 4.42
C TYR E 19 9.61 -56.67 4.70
N ALA E 20 10.14 -57.42 3.74
CA ALA E 20 11.44 -58.03 3.90
C ALA E 20 12.57 -57.02 4.14
N LEU E 21 12.68 -56.04 3.25
CA LEU E 21 13.76 -55.06 3.38
C LEU E 21 13.65 -54.26 4.67
N LEU E 22 12.43 -54.01 5.12
CA LEU E 22 12.26 -53.26 6.37
C LEU E 22 12.64 -54.15 7.56
N GLN E 23 12.30 -55.44 7.48
CA GLN E 23 12.61 -56.41 8.54
C GLN E 23 14.13 -56.45 8.71
N LEU E 24 14.84 -56.70 7.62
CA LEU E 24 16.30 -56.77 7.67
C LEU E 24 16.90 -55.45 8.19
N ARG E 25 16.36 -54.33 7.72
CA ARG E 25 16.85 -53.02 8.16
C ARG E 25 16.69 -52.83 9.66
N THR E 26 15.54 -53.20 10.20
CA THR E 26 15.32 -53.04 11.62
C THR E 26 16.25 -53.98 12.40
N GLU E 27 16.30 -55.24 11.97
CA GLU E 27 17.12 -56.26 12.57
C GLU E 27 18.56 -55.81 12.82
N VAL E 28 19.13 -55.07 11.87
CA VAL E 28 20.51 -54.60 12.02
C VAL E 28 20.69 -53.20 12.60
N PHE E 29 20.16 -52.20 11.91
CA PHE E 29 20.30 -50.82 12.34
C PHE E 29 19.68 -50.53 13.70
N VAL E 30 18.51 -51.09 13.95
CA VAL E 30 17.82 -50.88 15.22
C VAL E 30 18.16 -51.89 16.33
N VAL E 31 17.95 -53.18 16.07
CA VAL E 31 18.22 -54.19 17.09
C VAL E 31 19.70 -54.48 17.31
N GLU E 32 20.34 -55.08 16.32
CA GLU E 32 21.76 -55.42 16.42
C GLU E 32 22.60 -54.24 16.88
N GLN E 33 22.30 -53.06 16.34
CA GLN E 33 23.05 -51.85 16.67
C GLN E 33 22.51 -51.12 17.89
N LYS E 34 21.45 -51.66 18.49
CA LYS E 34 20.85 -51.05 19.69
C LYS E 34 20.64 -49.55 19.52
N CYS E 35 19.88 -49.19 18.49
CA CYS E 35 19.60 -47.79 18.17
C CYS E 35 18.12 -47.57 17.85
N PRO E 36 17.35 -47.02 18.81
CA PRO E 36 15.92 -46.78 18.56
C PRO E 36 15.60 -45.49 17.81
N TYR E 37 15.84 -45.53 16.50
CA TYR E 37 15.59 -44.39 15.62
C TYR E 37 14.50 -44.79 14.63
N GLN E 38 13.94 -43.79 13.94
CA GLN E 38 12.86 -44.04 12.99
C GLN E 38 13.37 -44.63 11.67
N GLU E 39 13.45 -45.95 11.66
CA GLU E 39 13.92 -46.72 10.50
C GLU E 39 13.14 -46.42 9.23
N VAL E 40 11.82 -46.35 9.37
CA VAL E 40 10.90 -46.07 8.28
C VAL E 40 10.90 -44.54 8.14
N ASP E 41 11.89 -44.03 7.42
CA ASP E 41 12.08 -42.59 7.26
C ASP E 41 11.22 -41.84 6.24
N GLY E 42 10.47 -42.58 5.43
CA GLY E 42 9.61 -41.92 4.46
C GLY E 42 10.29 -41.62 3.14
N LEU E 43 11.50 -42.14 2.96
CA LEU E 43 12.24 -41.94 1.72
C LEU E 43 12.14 -43.19 0.85
N ASP E 44 11.39 -44.17 1.31
CA ASP E 44 11.28 -45.43 0.58
C ASP E 44 10.27 -45.53 -0.55
N LEU E 45 9.17 -44.80 -0.46
CA LEU E 45 8.15 -44.88 -1.49
C LEU E 45 7.91 -43.56 -2.20
N VAL E 46 9.00 -42.84 -2.47
CA VAL E 46 8.87 -41.56 -3.13
C VAL E 46 9.74 -41.43 -4.37
N GLY E 47 9.35 -40.47 -5.22
CA GLY E 47 10.09 -40.21 -6.44
C GLY E 47 10.49 -41.49 -7.13
N ASP E 48 11.76 -41.59 -7.51
CA ASP E 48 12.23 -42.79 -8.16
C ASP E 48 13.27 -43.51 -7.31
N THR E 49 13.02 -43.62 -6.01
CA THR E 49 13.98 -44.32 -5.17
C THR E 49 13.94 -45.79 -5.58
N HIS E 50 15.11 -46.41 -5.65
CA HIS E 50 15.24 -47.82 -6.02
C HIS E 50 15.76 -48.68 -4.87
N HIS E 51 15.39 -49.95 -4.90
CA HIS E 51 15.79 -50.90 -3.87
C HIS E 51 16.58 -52.08 -4.45
N LEU E 52 17.80 -52.27 -3.95
CA LEU E 52 18.68 -53.36 -4.36
C LEU E 52 18.51 -54.51 -3.36
N ALA E 54 19.22 -58.85 -2.46
CA ALA E 54 19.87 -60.12 -2.72
C ALA E 54 19.09 -61.18 -1.95
N TRP E 55 18.47 -62.11 -2.67
CA TRP E 55 17.68 -63.16 -2.04
C TRP E 55 18.27 -64.56 -2.18
N ARG E 56 18.31 -65.29 -1.08
CA ARG E 56 18.80 -66.66 -1.12
C ARG E 56 17.74 -67.53 -0.46
N ASP E 57 17.06 -68.32 -1.28
CA ASP E 57 16.03 -69.23 -0.82
C ASP E 57 14.95 -68.62 0.09
N GLY E 58 14.27 -67.59 -0.42
CA GLY E 58 13.21 -66.97 0.36
C GLY E 58 13.59 -66.05 1.50
N GLN E 59 14.89 -65.86 1.74
CA GLN E 59 15.35 -64.96 2.80
C GLN E 59 16.14 -63.79 2.18
N LEU E 60 15.89 -62.57 2.64
CA LEU E 60 16.61 -61.40 2.15
C LEU E 60 17.92 -61.39 2.93
N LEU E 61 19.04 -61.42 2.22
CA LEU E 61 20.35 -61.45 2.86
C LEU E 61 21.15 -60.16 2.75
N ALA E 62 20.89 -59.36 1.72
CA ALA E 62 21.62 -58.10 1.56
C ALA E 62 20.74 -57.03 0.90
N TYR E 63 20.92 -55.79 1.32
CA TYR E 63 20.11 -54.69 0.81
C TYR E 63 20.81 -53.34 0.86
N LEU E 64 20.36 -52.44 0.01
CA LEU E 64 20.83 -51.07 -0.01
C LEU E 64 19.78 -50.24 -0.76
N ARG E 65 19.71 -48.95 -0.45
CA ARG E 65 18.72 -48.10 -1.10
C ARG E 65 19.38 -47.01 -1.97
N LEU E 66 18.73 -46.70 -3.09
CA LEU E 66 19.21 -45.66 -4.00
C LEU E 66 18.16 -44.52 -4.10
N LEU E 67 18.48 -43.34 -3.57
CA LEU E 67 17.57 -42.19 -3.67
C LEU E 67 17.92 -41.39 -4.94
N ASP E 68 16.90 -41.07 -5.74
CA ASP E 68 17.13 -40.34 -7.01
C ASP E 68 17.63 -38.89 -6.93
N PRO E 69 18.57 -38.54 -7.82
CA PRO E 69 19.25 -37.24 -7.99
C PRO E 69 18.41 -35.94 -8.00
N VAL E 70 17.25 -35.94 -8.64
CA VAL E 70 16.44 -34.72 -8.63
C VAL E 70 16.04 -34.31 -7.22
N ARG E 71 15.76 -35.30 -6.38
CA ARG E 71 15.34 -35.05 -5.00
C ARG E 71 16.48 -34.89 -4.02
N HIS E 72 17.70 -34.83 -4.55
CA HIS E 72 18.86 -34.68 -3.69
C HIS E 72 19.97 -33.84 -4.28
N GLU E 73 19.60 -32.65 -4.71
CA GLU E 73 20.55 -31.68 -5.24
C GLU E 73 21.59 -32.19 -6.26
N GLY E 74 21.15 -33.00 -7.22
CA GLY E 74 22.08 -33.49 -8.22
C GLY E 74 22.99 -34.62 -7.80
N GLN E 75 22.65 -35.28 -6.71
CA GLN E 75 23.45 -36.38 -6.22
C GLN E 75 22.57 -37.60 -6.01
N VAL E 76 23.05 -38.75 -6.44
CA VAL E 76 22.30 -39.97 -6.21
C VAL E 76 22.79 -40.40 -4.82
N VAL E 77 21.86 -40.69 -3.94
CA VAL E 77 22.20 -41.07 -2.58
C VAL E 77 22.04 -42.55 -2.27
N ILE E 78 23.15 -43.17 -1.86
CA ILE E 78 23.15 -44.57 -1.49
C ILE E 78 23.11 -44.59 0.04
N GLY E 79 22.27 -45.45 0.60
CA GLY E 79 22.16 -45.56 2.04
C GLY E 79 21.48 -46.85 2.44
N ARG E 80 21.27 -47.02 3.75
CA ARG E 80 20.64 -48.23 4.28
C ARG E 80 21.36 -49.48 3.74
N VAL E 81 22.69 -49.40 3.74
CA VAL E 81 23.53 -50.48 3.27
C VAL E 81 23.59 -51.53 4.37
N VAL E 82 23.17 -52.74 4.09
CA VAL E 82 23.16 -53.74 5.13
C VAL E 82 23.13 -55.17 4.63
N SER E 83 23.51 -56.08 5.50
CA SER E 83 23.46 -57.49 5.17
C SER E 83 23.25 -58.25 6.47
N SER E 84 22.49 -59.35 6.38
CA SER E 84 22.23 -60.22 7.51
C SER E 84 23.61 -60.48 8.16
N SER E 85 23.67 -60.50 9.48
CA SER E 85 24.94 -60.73 10.18
C SER E 85 25.62 -62.07 9.85
N ALA E 86 24.82 -63.07 9.53
CA ALA E 86 25.36 -64.37 9.20
C ALA E 86 26.03 -64.34 7.83
N ALA E 87 25.37 -63.69 6.88
CA ALA E 87 25.87 -63.61 5.50
C ALA E 87 26.92 -62.53 5.31
N ARG E 88 27.11 -61.72 6.34
CA ARG E 88 28.04 -60.61 6.31
C ARG E 88 29.44 -61.03 5.92
N GLY E 89 29.85 -60.64 4.71
CA GLY E 89 31.16 -60.98 4.22
C GLY E 89 31.68 -59.98 3.19
N GLN E 90 33.01 -59.87 3.15
CA GLN E 90 33.72 -58.98 2.24
C GLN E 90 33.32 -59.16 0.78
N GLY E 91 32.91 -60.39 0.43
CA GLY E 91 32.51 -60.68 -0.93
C GLY E 91 31.10 -60.21 -1.26
N LEU E 92 30.24 -60.14 -0.25
CA LEU E 92 28.86 -59.69 -0.43
C LEU E 92 28.90 -58.18 -0.49
N GLY E 93 29.65 -57.57 0.42
CA GLY E 93 29.77 -56.13 0.44
C GLY E 93 30.16 -55.67 -0.95
N HIS E 94 31.16 -56.34 -1.53
CA HIS E 94 31.62 -56.00 -2.87
C HIS E 94 30.46 -56.07 -3.87
N GLN E 95 29.81 -57.23 -3.96
CA GLN E 95 28.68 -57.38 -4.89
C GLN E 95 27.64 -56.27 -4.67
N LEU E 96 27.22 -56.09 -3.42
CA LEU E 96 26.25 -55.06 -3.06
C LEU E 96 26.65 -53.73 -3.67
N GLU E 98 29.30 -52.79 -5.88
CA GLU E 98 29.45 -52.76 -7.33
C GLU E 98 28.11 -52.64 -8.04
N ARG E 99 27.14 -53.49 -7.68
CA ARG E 99 25.82 -53.45 -8.30
C ARG E 99 25.10 -52.13 -8.06
N ALA E 100 25.42 -51.47 -6.95
CA ALA E 100 24.78 -50.20 -6.63
C ALA E 100 25.29 -49.13 -7.60
N LEU E 101 26.61 -49.03 -7.75
CA LEU E 101 27.18 -48.07 -8.69
C LEU E 101 26.63 -48.44 -10.05
N GLN E 102 26.62 -49.75 -10.28
CA GLN E 102 26.12 -50.33 -11.51
C GLN E 102 24.74 -49.75 -11.85
N ALA E 103 23.79 -49.91 -10.94
CA ALA E 103 22.43 -49.41 -11.15
C ALA E 103 22.40 -47.90 -11.34
N ALA E 104 23.15 -47.19 -10.50
CA ALA E 104 23.22 -45.73 -10.56
C ALA E 104 23.65 -45.25 -11.93
N GLU E 105 24.63 -45.94 -12.51
CA GLU E 105 25.16 -45.58 -13.82
C GLU E 105 24.17 -45.87 -14.95
N ARG E 106 23.31 -46.86 -14.77
CA ARG E 106 22.36 -47.15 -15.82
C ARG E 106 21.08 -46.33 -15.60
N LEU E 107 20.79 -46.01 -14.34
CA LEU E 107 19.61 -45.21 -13.98
C LEU E 107 19.84 -43.70 -14.09
N TRP E 108 21.03 -43.27 -13.68
CA TRP E 108 21.39 -41.85 -13.71
C TRP E 108 22.80 -41.69 -14.26
N LEU E 109 22.96 -42.04 -15.53
CA LEU E 109 24.24 -41.94 -16.19
C LEU E 109 24.99 -40.63 -15.91
N ASP E 110 26.23 -40.77 -15.46
CA ASP E 110 27.12 -39.64 -15.15
C ASP E 110 26.77 -38.77 -13.94
N THR E 111 25.83 -39.22 -13.11
CA THR E 111 25.47 -38.46 -11.92
C THR E 111 26.31 -38.94 -10.74
N PRO E 112 26.89 -38.01 -9.98
CA PRO E 112 27.71 -38.39 -8.83
C PRO E 112 26.93 -39.08 -7.70
N VAL E 113 27.60 -40.01 -7.01
CA VAL E 113 26.98 -40.75 -5.91
C VAL E 113 27.50 -40.28 -4.56
N TYR E 114 26.59 -40.18 -3.61
CA TYR E 114 26.91 -39.76 -2.25
C TYR E 114 26.33 -40.73 -1.24
N LEU E 115 26.99 -40.87 -0.11
CA LEU E 115 26.51 -41.72 0.96
C LEU E 115 27.12 -41.25 2.27
N SER E 116 26.44 -41.57 3.38
CA SER E 116 26.93 -41.19 4.70
C SER E 116 27.43 -42.46 5.38
N ALA E 117 28.73 -42.51 5.68
CA ALA E 117 29.32 -43.69 6.29
C ALA E 117 29.94 -43.50 7.67
N GLN E 118 30.09 -44.61 8.40
CA GLN E 118 30.70 -44.58 9.71
C GLN E 118 32.09 -43.98 9.52
N ALA E 119 32.51 -43.14 10.45
CA ALA E 119 33.81 -42.46 10.36
C ALA E 119 35.02 -43.34 10.04
N HIS E 120 35.18 -44.45 10.76
CA HIS E 120 36.32 -45.33 10.54
C HIS E 120 36.33 -45.97 9.15
N LEU E 121 35.16 -46.34 8.65
CA LEU E 121 35.05 -46.97 7.33
C LEU E 121 35.31 -46.01 6.16
N GLN E 122 35.95 -44.88 6.44
CA GLN E 122 36.26 -43.89 5.40
C GLN E 122 37.31 -44.49 4.48
N ALA E 123 37.48 -45.81 4.60
CA ALA E 123 38.46 -46.51 3.79
C ALA E 123 37.82 -47.53 2.85
N TYR E 124 36.94 -48.36 3.40
CA TYR E 124 36.26 -49.39 2.59
C TYR E 124 35.50 -48.76 1.44
N TYR E 125 34.93 -47.59 1.69
CA TYR E 125 34.21 -46.88 0.65
C TYR E 125 35.21 -46.21 -0.28
N GLY E 126 36.23 -45.56 0.28
CA GLY E 126 37.23 -44.92 -0.55
C GLY E 126 37.66 -45.92 -1.61
N ARG E 127 37.78 -47.18 -1.21
CA ARG E 127 38.20 -48.25 -2.12
C ARG E 127 37.49 -48.15 -3.47
N TYR E 128 36.21 -47.81 -3.43
CA TYR E 128 35.42 -47.70 -4.65
C TYR E 128 35.46 -46.33 -5.31
N GLY E 129 36.33 -45.46 -4.80
CA GLY E 129 36.46 -44.12 -5.37
C GLY E 129 35.75 -43.02 -4.60
N PHE E 130 35.27 -43.33 -3.40
CA PHE E 130 34.58 -42.33 -2.60
C PHE E 130 35.59 -41.48 -1.85
N VAL E 131 35.18 -40.28 -1.50
CA VAL E 131 36.03 -39.33 -0.79
C VAL E 131 35.21 -38.46 0.18
N ALA E 132 35.79 -38.21 1.36
CA ALA E 132 35.12 -37.40 2.36
C ALA E 132 34.85 -35.99 1.81
N VAL E 133 33.63 -35.49 2.04
CA VAL E 133 33.22 -34.15 1.58
C VAL E 133 32.64 -33.31 2.71
N THR E 134 32.53 -33.86 3.90
CA THR E 134 31.99 -33.10 5.01
C THR E 134 32.83 -33.30 6.25
N GLU E 135 32.55 -32.52 7.27
CA GLU E 135 33.27 -32.66 8.52
C GLU E 135 32.68 -33.91 9.15
N VAL E 136 33.27 -34.40 10.22
CA VAL E 136 32.77 -35.60 10.87
C VAL E 136 31.61 -35.24 11.81
N TYR E 137 30.52 -35.99 11.75
CA TYR E 137 29.34 -35.71 12.60
C TYR E 137 28.67 -36.95 13.19
N LEU E 138 27.82 -36.74 14.20
CA LEU E 138 27.12 -37.86 14.85
C LEU E 138 25.76 -38.13 14.22
N GLU E 139 25.46 -39.41 13.99
CA GLU E 139 24.21 -39.79 13.36
C GLU E 139 23.51 -40.92 14.15
N PRO E 143 28.58 -41.53 14.59
CA PRO E 143 29.88 -40.94 14.24
C PRO E 143 30.24 -41.16 12.77
N HIS E 144 29.49 -40.51 11.88
CA HIS E 144 29.67 -40.65 10.43
C HIS E 144 30.36 -39.49 9.71
N ILE E 145 30.46 -39.63 8.39
CA ILE E 145 31.09 -38.62 7.54
C ILE E 145 30.49 -38.77 6.14
N GLY E 146 30.28 -37.64 5.47
CA GLY E 146 29.71 -37.64 4.13
C GLY E 146 30.76 -37.81 3.06
N ARG E 148 31.54 -38.82 -1.33
CA ARG E 148 31.00 -38.81 -2.68
C ARG E 148 32.02 -39.21 -3.74
N ARG E 149 31.53 -39.63 -4.89
CA ARG E 149 32.40 -40.00 -5.97
C ARG E 149 31.74 -39.69 -7.31
N ALA E 150 32.55 -39.29 -8.29
CA ALA E 150 32.09 -38.95 -9.62
C ALA E 150 31.32 -40.09 -10.29
N LEU F 3 -12.97 -39.35 9.79
CA LEU F 3 -12.26 -40.58 10.24
C LEU F 3 -12.69 -41.80 9.44
N ASP F 4 -11.78 -42.33 8.64
CA ASP F 4 -12.07 -43.51 7.82
C ASP F 4 -11.49 -44.77 8.45
N TRP F 5 -12.35 -45.57 9.08
CA TRP F 5 -11.90 -46.80 9.70
C TRP F 5 -11.96 -47.94 8.69
N THR F 6 -10.97 -48.82 8.76
CA THR F 6 -10.88 -49.95 7.86
C THR F 6 -10.17 -51.11 8.55
N CYS F 7 -10.66 -52.33 8.35
CA CYS F 7 -10.04 -53.50 8.93
C CYS F 7 -9.74 -54.41 7.75
N LYS F 8 -8.54 -54.30 7.21
CA LYS F 8 -8.17 -55.09 6.05
C LYS F 8 -7.39 -56.36 6.34
N HIS F 9 -7.63 -57.38 5.53
CA HIS F 9 -6.95 -58.65 5.62
C HIS F 9 -5.57 -58.39 5.02
N HIS F 10 -4.50 -58.75 5.72
CA HIS F 10 -3.15 -58.48 5.21
C HIS F 10 -2.94 -58.61 3.71
N ALA F 11 -3.75 -59.43 3.07
CA ALA F 11 -3.62 -59.61 1.63
C ALA F 11 -4.17 -58.43 0.83
N ASP F 12 -5.02 -57.62 1.47
CA ASP F 12 -5.63 -56.45 0.82
C ASP F 12 -4.84 -55.16 1.06
N LEU F 13 -3.78 -55.26 1.85
CA LEU F 13 -2.99 -54.07 2.14
C LEU F 13 -2.36 -53.55 0.87
N THR F 14 -2.04 -52.26 0.88
CA THR F 14 -1.35 -51.60 -0.22
C THR F 14 0.01 -51.20 0.34
N LEU F 15 1.01 -51.03 -0.53
CA LEU F 15 2.34 -50.64 -0.06
C LEU F 15 2.25 -49.47 0.92
N LYS F 16 1.59 -48.40 0.50
CA LYS F 16 1.44 -47.22 1.35
C LYS F 16 0.93 -47.61 2.72
N GLU F 17 -0.17 -48.36 2.74
CA GLU F 17 -0.76 -48.80 4.00
C GLU F 17 0.22 -49.56 4.90
N LEU F 18 0.96 -50.49 4.32
CA LEU F 18 1.92 -51.30 5.06
C LEU F 18 3.01 -50.42 5.66
N TYR F 19 3.52 -49.52 4.83
CA TYR F 19 4.58 -48.61 5.25
C TYR F 19 4.13 -47.73 6.41
N ALA F 20 2.95 -47.14 6.26
CA ALA F 20 2.40 -46.28 7.29
C ALA F 20 2.20 -47.01 8.62
N LEU F 21 1.64 -48.21 8.57
CA LEU F 21 1.41 -48.94 9.82
C LEU F 21 2.74 -49.31 10.46
N LEU F 22 3.74 -49.65 9.65
CA LEU F 22 5.06 -49.97 10.20
C LEU F 22 5.69 -48.66 10.68
N GLN F 23 5.56 -47.61 9.87
CA GLN F 23 6.10 -46.32 10.27
C GLN F 23 5.48 -45.89 11.61
N LEU F 24 4.15 -45.96 11.71
CA LEU F 24 3.51 -45.57 12.97
C LEU F 24 3.94 -46.41 14.17
N ARG F 25 4.03 -47.73 14.00
CA ARG F 25 4.41 -48.64 15.09
C ARG F 25 5.86 -48.40 15.55
N THR F 26 6.74 -48.13 14.60
CA THR F 26 8.14 -47.88 14.94
C THR F 26 8.31 -46.57 15.71
N GLU F 27 7.65 -45.53 15.23
CA GLU F 27 7.84 -44.26 15.91
C GLU F 27 7.33 -44.28 17.36
N VAL F 28 6.30 -45.07 17.65
CA VAL F 28 5.80 -45.15 19.02
C VAL F 28 6.50 -46.23 19.86
N PHE F 29 6.43 -47.46 19.39
CA PHE F 29 7.03 -48.59 20.10
C PHE F 29 8.56 -48.61 20.12
N VAL F 30 9.19 -48.02 19.11
CA VAL F 30 10.64 -47.97 19.06
C VAL F 30 11.19 -46.61 19.53
N VAL F 31 10.81 -45.53 18.85
CA VAL F 31 11.35 -44.24 19.21
C VAL F 31 10.85 -43.60 20.52
N GLU F 32 9.58 -43.24 20.60
CA GLU F 32 9.07 -42.65 21.84
C GLU F 32 9.49 -43.49 23.06
N GLN F 33 9.25 -44.80 22.96
CA GLN F 33 9.58 -45.72 24.03
C GLN F 33 11.07 -46.03 24.18
N LYS F 34 11.88 -45.60 23.22
CA LYS F 34 13.32 -45.87 23.29
C LYS F 34 13.56 -47.36 23.48
N CYS F 35 12.88 -48.16 22.68
CA CYS F 35 13.00 -49.60 22.77
C CYS F 35 13.44 -50.16 21.43
N PRO F 36 14.74 -50.37 21.26
CA PRO F 36 15.26 -50.90 20.00
C PRO F 36 14.98 -52.41 19.87
N TYR F 37 13.77 -52.75 19.44
CA TYR F 37 13.44 -54.16 19.28
C TYR F 37 12.93 -54.46 17.86
N GLN F 38 12.82 -55.74 17.52
CA GLN F 38 12.34 -56.11 16.18
C GLN F 38 10.86 -55.85 16.00
N GLU F 39 10.54 -54.63 15.58
CA GLU F 39 9.15 -54.24 15.35
C GLU F 39 8.50 -55.10 14.25
N VAL F 40 9.27 -55.36 13.20
CA VAL F 40 8.80 -56.14 12.07
C VAL F 40 9.00 -57.61 12.44
N ASP F 41 8.05 -58.14 13.20
CA ASP F 41 8.10 -59.51 13.72
C ASP F 41 7.72 -60.69 12.83
N GLY F 42 7.33 -60.42 11.60
CA GLY F 42 6.99 -61.50 10.68
C GLY F 42 5.60 -62.09 10.88
N LEU F 43 4.77 -61.42 11.66
CA LEU F 43 3.42 -61.93 11.88
C LEU F 43 2.38 -61.05 11.19
N ASP F 44 2.84 -60.14 10.34
CA ASP F 44 1.96 -59.21 9.64
C ASP F 44 1.37 -59.64 8.28
N LEU F 45 2.06 -60.53 7.55
CA LEU F 45 1.57 -60.97 6.24
C LEU F 45 1.45 -62.50 6.13
N VAL F 46 0.78 -63.11 7.10
CA VAL F 46 0.61 -64.55 7.12
C VAL F 46 -0.79 -64.93 7.60
N GLY F 47 -1.29 -66.06 7.13
CA GLY F 47 -2.61 -66.55 7.52
C GLY F 47 -3.76 -65.56 7.35
N ASP F 48 -4.45 -65.25 8.44
CA ASP F 48 -5.56 -64.30 8.36
C ASP F 48 -5.40 -63.08 9.26
N THR F 49 -4.16 -62.67 9.50
CA THR F 49 -3.94 -61.50 10.33
C THR F 49 -4.69 -60.31 9.66
N HIS F 50 -5.29 -59.46 10.47
CA HIS F 50 -6.00 -58.30 9.96
C HIS F 50 -5.39 -57.04 10.55
N HIS F 51 -5.55 -55.94 9.84
CA HIS F 51 -4.99 -54.66 10.27
C HIS F 51 -6.08 -53.60 10.36
N LEU F 52 -6.42 -53.22 11.60
CA LEU F 52 -7.44 -52.22 11.90
C LEU F 52 -6.77 -50.87 11.77
N ALA F 54 -7.26 -46.41 11.19
CA ALA F 54 -8.09 -45.22 11.18
C ALA F 54 -7.27 -44.17 10.46
N TRP F 55 -7.74 -43.75 9.30
CA TRP F 55 -7.06 -42.73 8.52
C TRP F 55 -7.83 -41.41 8.52
N ARG F 56 -7.10 -40.30 8.42
CA ARG F 56 -7.75 -39.00 8.42
C ARG F 56 -6.97 -38.05 7.55
N ASP F 57 -7.43 -37.92 6.31
CA ASP F 57 -6.83 -37.05 5.30
C ASP F 57 -5.31 -36.97 5.41
N GLY F 58 -4.65 -38.04 5.00
CA GLY F 58 -3.21 -38.07 5.03
C GLY F 58 -2.56 -39.16 5.85
N GLN F 59 -2.42 -38.92 7.15
CA GLN F 59 -1.79 -39.87 8.05
C GLN F 59 -2.68 -40.86 8.76
N LEU F 60 -2.02 -41.91 9.24
CA LEU F 60 -2.63 -43.00 9.98
C LEU F 60 -2.60 -42.55 11.44
N LEU F 61 -3.77 -42.47 12.06
CA LEU F 61 -3.84 -42.01 13.44
C LEU F 61 -4.14 -43.08 14.50
N ALA F 62 -4.63 -44.24 14.06
CA ALA F 62 -4.94 -45.31 15.01
C ALA F 62 -4.65 -46.62 14.33
N TYR F 63 -4.22 -47.62 15.10
CA TYR F 63 -3.90 -48.92 14.52
C TYR F 63 -3.82 -50.05 15.54
N LEU F 64 -4.13 -51.26 15.07
CA LEU F 64 -4.03 -52.47 15.88
C LEU F 64 -4.10 -53.69 14.98
N ARG F 65 -3.41 -54.75 15.40
CA ARG F 65 -3.33 -55.99 14.62
C ARG F 65 -4.04 -57.17 15.26
N LEU F 66 -4.71 -57.96 14.43
CA LEU F 66 -5.40 -59.14 14.93
C LEU F 66 -4.81 -60.38 14.29
N LEU F 67 -4.38 -61.34 15.12
CA LEU F 67 -3.80 -62.58 14.64
C LEU F 67 -4.83 -63.70 14.71
N ASP F 68 -5.03 -64.43 13.61
CA ASP F 68 -6.03 -65.48 13.61
C ASP F 68 -5.69 -66.55 14.63
N PRO F 69 -6.72 -67.09 15.31
CA PRO F 69 -6.62 -68.11 16.36
C PRO F 69 -6.01 -69.47 16.05
N VAL F 70 -6.14 -69.96 14.82
CA VAL F 70 -5.58 -71.26 14.54
C VAL F 70 -4.06 -71.24 14.65
N ARG F 71 -3.42 -70.10 14.43
CA ARG F 71 -1.96 -70.04 14.52
C ARG F 71 -1.51 -69.59 15.90
N HIS F 72 -2.46 -69.45 16.81
CA HIS F 72 -2.15 -69.01 18.15
C HIS F 72 -2.92 -69.73 19.24
N GLU F 73 -2.83 -71.05 19.20
CA GLU F 73 -3.44 -71.91 20.19
C GLU F 73 -4.90 -71.64 20.58
N GLY F 74 -5.74 -71.40 19.58
CA GLY F 74 -7.14 -71.17 19.82
C GLY F 74 -7.45 -69.78 20.33
N GLN F 75 -6.53 -68.85 20.19
CA GLN F 75 -6.77 -67.50 20.68
C GLN F 75 -6.56 -66.44 19.62
N VAL F 76 -7.42 -65.43 19.65
CA VAL F 76 -7.28 -64.34 18.71
C VAL F 76 -6.26 -63.48 19.43
N VAL F 77 -5.27 -63.00 18.72
CA VAL F 77 -4.30 -62.16 19.37
C VAL F 77 -4.26 -60.72 18.87
N ILE F 78 -4.61 -59.80 19.75
CA ILE F 78 -4.54 -58.41 19.39
C ILE F 78 -3.26 -57.86 19.99
N GLY F 79 -2.56 -57.04 19.24
CA GLY F 79 -1.35 -56.45 19.73
C GLY F 79 -1.04 -55.22 18.92
N ARG F 80 0.09 -54.61 19.20
CA ARG F 80 0.52 -53.43 18.48
C ARG F 80 -0.53 -52.33 18.56
N VAL F 81 -1.23 -52.28 19.69
CA VAL F 81 -2.27 -51.26 19.90
C VAL F 81 -1.59 -49.90 19.95
N VAL F 82 -1.79 -49.08 18.92
CA VAL F 82 -1.16 -47.77 18.86
C VAL F 82 -1.98 -46.67 18.20
N SER F 83 -1.82 -45.45 18.73
CA SER F 83 -2.49 -44.27 18.19
C SER F 83 -1.47 -43.12 18.15
N SER F 84 -1.57 -42.30 17.11
CA SER F 84 -0.65 -41.19 16.92
C SER F 84 -0.78 -40.17 18.06
N SER F 85 0.34 -39.55 18.41
CA SER F 85 0.38 -38.56 19.47
C SER F 85 -0.25 -37.25 19.01
N ALA F 86 -0.68 -37.21 17.75
CA ALA F 86 -1.29 -36.01 17.18
C ALA F 86 -2.75 -35.89 17.59
N ALA F 87 -3.55 -36.90 17.28
CA ALA F 87 -4.98 -36.87 17.60
C ALA F 87 -5.28 -37.20 19.06
N ARG F 88 -4.24 -37.52 19.83
CA ARG F 88 -4.42 -37.82 21.25
C ARG F 88 -4.71 -36.53 21.99
N LEU F 92 -10.43 -41.99 21.39
CA LEU F 92 -9.91 -42.37 20.09
C LEU F 92 -9.36 -43.79 20.16
N GLY F 93 -8.52 -44.04 21.16
CA GLY F 93 -8.01 -45.37 21.34
C GLY F 93 -9.18 -46.20 21.81
N HIS F 94 -10.10 -45.52 22.49
CA HIS F 94 -11.30 -46.15 23.00
C HIS F 94 -12.10 -46.75 21.85
N GLN F 95 -12.02 -46.13 20.68
CA GLN F 95 -12.71 -46.61 19.50
C GLN F 95 -11.99 -47.81 18.86
N LEU F 96 -10.67 -47.83 18.97
CA LEU F 96 -9.87 -48.93 18.45
C LEU F 96 -10.33 -50.23 19.12
N GLU F 98 -12.98 -50.84 20.85
CA GLU F 98 -14.38 -51.10 20.54
C GLU F 98 -14.52 -51.84 19.21
N ARG F 99 -13.96 -51.25 18.17
CA ARG F 99 -14.03 -51.82 16.82
C ARG F 99 -13.22 -53.10 16.71
N ALA F 100 -12.15 -53.19 17.49
CA ALA F 100 -11.30 -54.36 17.47
C ALA F 100 -12.09 -55.55 17.94
N LEU F 101 -12.62 -55.44 19.16
CA LEU F 101 -13.41 -56.53 19.72
C LEU F 101 -14.53 -56.86 18.74
N GLN F 102 -15.15 -55.80 18.24
CA GLN F 102 -16.22 -55.89 17.31
C GLN F 102 -15.77 -56.67 16.06
N ALA F 103 -14.53 -56.44 15.64
CA ALA F 103 -14.00 -57.13 14.45
C ALA F 103 -13.64 -58.57 14.76
N ALA F 104 -13.25 -58.81 16.00
CA ALA F 104 -12.89 -60.16 16.42
C ALA F 104 -14.08 -61.12 16.29
N GLU F 105 -15.26 -60.63 16.63
CA GLU F 105 -16.47 -61.44 16.57
C GLU F 105 -16.98 -61.75 15.17
N ARG F 106 -16.85 -60.80 14.25
CA ARG F 106 -17.33 -61.04 12.90
C ARG F 106 -16.30 -61.82 12.09
N LEU F 107 -15.12 -62.03 12.66
CA LEU F 107 -14.07 -62.77 11.96
C LEU F 107 -13.88 -64.15 12.56
N TRP F 108 -13.99 -64.23 13.88
CA TRP F 108 -13.80 -65.50 14.59
C TRP F 108 -14.75 -65.50 15.78
N LEU F 109 -16.03 -65.73 15.48
CA LEU F 109 -17.09 -65.75 16.47
C LEU F 109 -16.82 -66.60 17.72
N ASP F 110 -17.13 -66.03 18.89
CA ASP F 110 -16.97 -66.72 20.18
C ASP F 110 -15.54 -66.97 20.62
N THR F 111 -14.58 -66.84 19.70
CA THR F 111 -13.19 -67.08 20.03
C THR F 111 -12.67 -66.06 21.05
N PRO F 112 -12.06 -66.54 22.14
CA PRO F 112 -11.51 -65.65 23.17
C PRO F 112 -10.38 -64.80 22.60
N VAL F 113 -10.21 -63.60 23.15
CA VAL F 113 -9.19 -62.67 22.70
C VAL F 113 -8.09 -62.42 23.75
N TYR F 114 -6.84 -62.43 23.30
CA TYR F 114 -5.70 -62.22 24.17
C TYR F 114 -4.83 -61.08 23.65
N LEU F 115 -4.10 -60.45 24.55
CA LEU F 115 -3.20 -59.39 24.17
C LEU F 115 -2.14 -59.25 25.25
N SER F 116 -0.94 -58.85 24.85
CA SER F 116 0.15 -58.64 25.80
C SER F 116 0.12 -57.15 26.08
N ALA F 117 -0.58 -56.77 27.12
CA ALA F 117 -0.67 -55.36 27.47
C ALA F 117 0.50 -54.91 28.30
N GLN F 118 0.85 -53.62 28.15
CA GLN F 118 1.93 -53.07 28.97
C GLN F 118 1.33 -53.06 30.35
N ALA F 119 2.14 -53.42 31.35
CA ALA F 119 1.66 -53.48 32.73
C ALA F 119 0.92 -52.23 33.24
N HIS F 120 1.38 -51.05 32.85
CA HIS F 120 0.73 -49.85 33.33
C HIS F 120 -0.65 -49.61 32.74
N LEU F 121 -1.06 -50.43 31.78
CA LEU F 121 -2.38 -50.25 31.19
C LEU F 121 -3.35 -51.34 31.58
N GLN F 122 -2.95 -52.16 32.56
CA GLN F 122 -3.79 -53.26 33.03
C GLN F 122 -5.19 -52.77 33.36
N ALA F 123 -5.27 -51.72 34.16
CA ALA F 123 -6.55 -51.15 34.58
C ALA F 123 -7.38 -50.78 33.36
N TYR F 124 -6.71 -50.09 32.43
CA TYR F 124 -7.32 -49.64 31.20
C TYR F 124 -7.98 -50.78 30.42
N TYR F 125 -7.20 -51.80 30.07
CA TYR F 125 -7.74 -52.94 29.33
C TYR F 125 -8.80 -53.70 30.11
N GLY F 126 -8.80 -53.54 31.43
CA GLY F 126 -9.78 -54.20 32.26
C GLY F 126 -11.16 -53.62 31.96
N ARG F 127 -11.18 -52.34 31.62
CA ARG F 127 -12.42 -51.65 31.31
C ARG F 127 -13.11 -52.22 30.07
N TYR F 128 -12.42 -53.14 29.39
CA TYR F 128 -12.98 -53.75 28.20
C TYR F 128 -13.20 -55.24 28.37
N GLY F 129 -13.14 -55.71 29.61
CA GLY F 129 -13.35 -57.13 29.86
C GLY F 129 -12.08 -57.97 30.01
N PHE F 130 -10.93 -57.44 29.60
CA PHE F 130 -9.70 -58.21 29.72
C PHE F 130 -9.33 -58.49 31.16
N VAL F 131 -8.84 -59.71 31.39
CA VAL F 131 -8.48 -60.15 32.71
C VAL F 131 -7.06 -60.71 32.63
N ALA F 132 -6.27 -60.45 33.66
CA ALA F 132 -4.89 -60.91 33.67
C ALA F 132 -4.77 -62.44 33.65
N VAL F 133 -3.97 -63.00 32.75
CA VAL F 133 -3.76 -64.44 32.70
C VAL F 133 -2.32 -64.82 33.05
N THR F 134 -1.48 -63.82 33.25
CA THR F 134 -0.09 -64.09 33.61
C THR F 134 0.34 -63.09 34.65
N GLU F 135 1.42 -63.40 35.33
CA GLU F 135 1.96 -62.48 36.30
C GLU F 135 2.62 -61.40 35.43
N VAL F 136 3.08 -60.31 36.01
CA VAL F 136 3.75 -59.29 35.21
C VAL F 136 5.16 -59.77 34.93
N TYR F 137 5.65 -59.49 33.72
CA TYR F 137 7.01 -59.89 33.33
C TYR F 137 7.66 -58.77 32.55
N LEU F 138 8.96 -58.88 32.30
CA LEU F 138 9.69 -57.85 31.57
C LEU F 138 10.02 -58.31 30.18
N GLU F 139 9.98 -57.39 29.22
CA GLU F 139 10.29 -57.69 27.84
C GLU F 139 10.92 -56.45 27.24
N ASP F 140 12.20 -56.55 26.83
CA ASP F 140 12.90 -55.40 26.29
C ASP F 140 12.84 -54.30 27.34
N ASP F 141 12.96 -54.71 28.60
CA ASP F 141 12.95 -53.78 29.73
C ASP F 141 11.66 -52.99 29.97
N ILE F 142 10.55 -53.48 29.45
CA ILE F 142 9.27 -52.80 29.67
C ILE F 142 8.32 -53.84 30.24
N PRO F 143 7.70 -53.53 31.39
CA PRO F 143 6.77 -54.44 32.06
C PRO F 143 5.49 -54.71 31.27
N HIS F 144 5.09 -55.99 31.19
CA HIS F 144 3.88 -56.40 30.49
C HIS F 144 3.11 -57.42 31.31
N ILE F 145 1.86 -57.64 30.92
CA ILE F 145 1.03 -58.62 31.59
C ILE F 145 0.09 -59.22 30.55
N GLY F 146 0.02 -60.55 30.53
CA GLY F 146 -0.86 -61.20 29.57
C GLY F 146 -2.30 -61.12 30.01
N ARG F 148 -6.58 -61.95 28.84
CA ARG F 148 -7.51 -62.53 27.88
C ARG F 148 -8.95 -62.09 28.13
N ARG F 149 -9.77 -62.22 27.09
CA ARG F 149 -11.16 -61.83 27.16
C ARG F 149 -12.05 -62.84 26.44
N ALA F 150 -13.10 -63.28 27.13
CA ALA F 150 -14.06 -64.21 26.55
C ALA F 150 -15.28 -64.31 27.45
N LEU G 3 22.79 1.42 0.19
CA LEU G 3 22.49 0.01 0.61
C LEU G 3 23.37 -0.44 1.76
N ASP G 4 22.76 -1.13 2.73
CA ASP G 4 23.48 -1.65 3.87
C ASP G 4 23.36 -3.18 3.85
N TRP G 5 24.44 -3.85 3.47
CA TRP G 5 24.43 -5.31 3.41
C TRP G 5 24.78 -5.91 4.75
N THR G 6 24.45 -7.18 4.91
CA THR G 6 24.72 -7.89 6.14
C THR G 6 24.36 -9.36 5.96
N CYS G 7 25.20 -10.24 6.49
CA CYS G 7 24.98 -11.67 6.40
C CYS G 7 25.09 -12.22 7.81
N LYS G 8 23.94 -12.36 8.47
CA LYS G 8 23.91 -12.85 9.84
C LYS G 8 23.48 -14.30 10.00
N HIS G 9 23.98 -14.92 11.05
CA HIS G 9 23.63 -16.28 11.38
C HIS G 9 22.19 -16.15 11.89
N HIS G 10 21.35 -17.15 11.63
CA HIS G 10 19.95 -17.09 12.04
C HIS G 10 19.74 -16.88 13.54
N ALA G 11 20.80 -17.11 14.31
CA ALA G 11 20.69 -16.93 15.74
C ALA G 11 20.72 -15.44 16.12
N ASP G 12 21.22 -14.61 15.21
CA ASP G 12 21.33 -13.18 15.44
C ASP G 12 20.20 -12.33 14.85
N LEU G 13 19.31 -12.96 14.09
CA LEU G 13 18.20 -12.21 13.51
C LEU G 13 17.36 -11.52 14.57
N THR G 14 16.82 -10.36 14.23
CA THR G 14 15.94 -9.62 15.14
C THR G 14 14.53 -9.89 14.60
N LEU G 15 13.50 -9.61 15.40
CA LEU G 15 12.13 -9.84 14.96
C LEU G 15 11.81 -9.12 13.66
N LYS G 16 12.25 -7.86 13.54
CA LYS G 16 11.98 -7.10 12.33
C LYS G 16 12.67 -7.71 11.10
N GLU G 17 13.88 -8.23 11.30
CA GLU G 17 14.62 -8.84 10.21
C GLU G 17 13.89 -10.08 9.73
N LEU G 18 13.57 -10.98 10.66
CA LEU G 18 12.87 -12.22 10.32
C LEU G 18 11.55 -11.90 9.62
N TYR G 19 10.76 -11.03 10.23
CA TYR G 19 9.50 -10.65 9.63
C TYR G 19 9.77 -10.11 8.23
N ALA G 20 10.66 -9.13 8.17
CA ALA G 20 11.00 -8.48 6.91
C ALA G 20 11.36 -9.46 5.80
N LEU G 21 12.31 -10.35 6.07
CA LEU G 21 12.71 -11.32 5.05
C LEU G 21 11.60 -12.28 4.62
N LEU G 22 10.71 -12.65 5.55
CA LEU G 22 9.61 -13.52 5.20
C LEU G 22 8.58 -12.76 4.37
N GLN G 23 8.37 -11.49 4.71
CA GLN G 23 7.41 -10.66 4.00
C GLN G 23 7.82 -10.51 2.54
N LEU G 24 9.08 -10.22 2.30
CA LEU G 24 9.55 -10.05 0.94
C LEU G 24 9.45 -11.38 0.20
N ARG G 25 9.99 -12.42 0.82
CA ARG G 25 9.96 -13.75 0.21
C ARG G 25 8.55 -14.18 -0.14
N THR G 26 7.59 -13.69 0.63
CA THR G 26 6.21 -14.06 0.40
C THR G 26 5.61 -13.27 -0.76
N GLU G 27 5.89 -11.97 -0.81
CA GLU G 27 5.33 -11.13 -1.86
C GLU G 27 5.81 -11.49 -3.27
N VAL G 28 7.03 -11.99 -3.38
CA VAL G 28 7.59 -12.37 -4.68
C VAL G 28 7.24 -13.80 -5.06
N PHE G 29 7.77 -14.75 -4.29
CA PHE G 29 7.56 -16.17 -4.53
C PHE G 29 6.10 -16.57 -4.40
N VAL G 30 5.44 -16.11 -3.36
CA VAL G 30 4.05 -16.48 -3.15
C VAL G 30 3.02 -15.60 -3.88
N VAL G 31 3.16 -14.27 -3.81
CA VAL G 31 2.18 -13.40 -4.45
C VAL G 31 2.41 -13.06 -5.93
N GLU G 32 3.46 -12.29 -6.26
CA GLU G 32 3.65 -11.96 -7.66
C GLU G 32 3.99 -13.16 -8.53
N GLN G 33 4.45 -14.24 -7.92
CA GLN G 33 4.75 -15.43 -8.70
C GLN G 33 3.56 -16.38 -8.69
N LYS G 34 2.49 -15.98 -8.01
CA LYS G 34 1.24 -16.75 -7.94
C LYS G 34 1.40 -18.21 -7.51
N CYS G 35 1.91 -18.45 -6.30
CA CYS G 35 2.12 -19.82 -5.87
C CYS G 35 1.77 -20.04 -4.39
N PRO G 36 0.63 -20.69 -4.11
CA PRO G 36 0.18 -20.96 -2.75
C PRO G 36 0.93 -22.11 -2.05
N TYR G 37 2.25 -21.95 -1.88
CA TYR G 37 3.08 -22.99 -1.23
C TYR G 37 3.58 -22.54 0.14
N GLN G 38 4.09 -23.49 0.91
CA GLN G 38 4.58 -23.19 2.24
C GLN G 38 5.91 -22.48 2.16
N GLU G 39 5.86 -21.15 2.24
CA GLU G 39 7.04 -20.31 2.17
C GLU G 39 7.90 -20.47 3.42
N VAL G 40 7.26 -20.69 4.56
CA VAL G 40 7.97 -20.85 5.82
C VAL G 40 8.30 -22.34 5.93
N ASP G 41 9.33 -22.76 5.20
CA ASP G 41 9.75 -24.15 5.09
C ASP G 41 10.46 -24.78 6.28
N GLY G 42 10.72 -24.00 7.32
CA GLY G 42 11.37 -24.56 8.48
C GLY G 42 12.87 -24.69 8.36
N LEU G 43 13.47 -24.13 7.31
CA LEU G 43 14.91 -24.22 7.16
C LEU G 43 15.64 -22.93 7.56
N ASP G 44 14.86 -21.93 8.00
CA ASP G 44 15.42 -20.63 8.36
C ASP G 44 16.10 -20.47 9.72
N LEU G 45 15.60 -21.19 10.73
CA LEU G 45 16.15 -21.08 12.08
C LEU G 45 16.79 -22.37 12.63
N VAL G 46 17.66 -22.99 11.84
CA VAL G 46 18.34 -24.22 12.26
C VAL G 46 19.82 -24.27 11.87
N GLY G 47 20.56 -25.10 12.61
CA GLY G 47 21.97 -25.26 12.34
C GLY G 47 22.70 -23.93 12.17
N ASP G 48 23.30 -23.74 11.01
CA ASP G 48 24.03 -22.51 10.72
C ASP G 48 23.57 -21.84 9.43
N THR G 49 22.28 -21.88 9.13
CA THR G 49 21.84 -21.22 7.92
C THR G 49 22.04 -19.72 8.15
N HIS G 50 22.43 -19.04 7.09
CA HIS G 50 22.71 -17.61 7.14
C HIS G 50 21.73 -16.84 6.28
N HIS G 51 21.54 -15.57 6.62
CA HIS G 51 20.61 -14.71 5.89
C HIS G 51 21.29 -13.44 5.39
N LEU G 52 21.39 -13.31 4.07
CA LEU G 52 22.02 -12.16 3.45
C LEU G 52 20.96 -11.14 3.04
N ALA G 54 20.00 -6.76 2.14
CA ALA G 54 20.42 -5.41 1.77
C ALA G 54 19.29 -4.45 2.10
N TRP G 55 19.54 -3.58 3.08
CA TRP G 55 18.54 -2.60 3.53
C TRP G 55 18.70 -1.20 2.95
N ARG G 56 17.57 -0.59 2.60
CA ARG G 56 17.56 0.75 2.01
C ARG G 56 16.58 1.66 2.73
N ASP G 57 17.03 2.24 3.84
CA ASP G 57 16.21 3.14 4.63
C ASP G 57 14.85 2.53 4.99
N GLY G 58 14.87 1.66 5.99
CA GLY G 58 13.65 1.04 6.47
C GLY G 58 12.99 -0.03 5.61
N GLN G 59 13.65 -0.44 4.53
CA GLN G 59 13.08 -1.48 3.67
C GLN G 59 14.13 -2.45 3.12
N LEU G 60 13.81 -3.73 3.25
CA LEU G 60 14.64 -4.84 2.81
C LEU G 60 14.44 -4.94 1.31
N LEU G 61 15.54 -4.79 0.55
CA LEU G 61 15.47 -4.84 -0.90
C LEU G 61 16.05 -6.10 -1.58
N ALA G 62 17.07 -6.70 -0.98
CA ALA G 62 17.64 -7.92 -1.57
C ALA G 62 17.89 -8.96 -0.48
N TYR G 63 17.56 -10.21 -0.77
CA TYR G 63 17.75 -11.29 0.18
C TYR G 63 17.90 -12.65 -0.46
N LEU G 64 18.75 -13.47 0.15
CA LEU G 64 18.95 -14.84 -0.28
C LEU G 64 19.42 -15.62 0.96
N ARG G 65 19.22 -16.93 0.96
CA ARG G 65 19.55 -17.78 2.09
C ARG G 65 20.67 -18.78 1.81
N LEU G 66 21.44 -19.09 2.86
CA LEU G 66 22.53 -20.05 2.78
C LEU G 66 22.32 -21.14 3.82
N LEU G 67 22.26 -22.38 3.36
CA LEU G 67 22.07 -23.55 4.22
C LEU G 67 23.47 -24.13 4.40
N ASP G 68 23.83 -24.49 5.63
CA ASP G 68 25.17 -25.03 5.88
C ASP G 68 25.37 -26.43 5.28
N PRO G 69 26.56 -26.69 4.72
CA PRO G 69 27.01 -27.91 4.06
C PRO G 69 26.81 -29.25 4.76
N VAL G 70 27.14 -29.31 6.04
CA VAL G 70 27.01 -30.54 6.80
C VAL G 70 25.58 -31.08 6.77
N ARG G 71 24.61 -30.18 6.73
CA ARG G 71 23.20 -30.59 6.71
C ARG G 71 22.67 -30.82 5.31
N HIS G 72 23.56 -30.77 4.32
CA HIS G 72 23.13 -30.94 2.95
C HIS G 72 24.16 -31.64 2.06
N GLU G 73 24.53 -32.85 2.50
CA GLU G 73 25.46 -33.71 1.78
C GLU G 73 26.75 -33.07 1.27
N GLY G 74 27.39 -32.23 2.08
CA GLY G 74 28.65 -31.62 1.66
C GLY G 74 28.53 -30.50 0.64
N GLN G 75 27.36 -29.87 0.60
CA GLN G 75 27.09 -28.78 -0.32
C GLN G 75 26.40 -27.59 0.36
N VAL G 76 26.98 -26.40 0.21
CA VAL G 76 26.33 -25.23 0.77
C VAL G 76 25.22 -24.94 -0.25
N VAL G 77 24.00 -24.77 0.24
CA VAL G 77 22.84 -24.53 -0.62
C VAL G 77 22.33 -23.09 -0.60
N ILE G 78 22.29 -22.48 -1.78
CA ILE G 78 21.78 -21.12 -1.94
C ILE G 78 20.34 -21.22 -2.40
N GLY G 79 19.48 -20.38 -1.84
CA GLY G 79 18.09 -20.41 -2.23
C GLY G 79 17.35 -19.16 -1.81
N ARG G 80 16.11 -19.05 -2.24
CA ARG G 80 15.27 -17.90 -1.93
C ARG G 80 15.97 -16.60 -2.34
N VAL G 81 16.56 -16.61 -3.52
CA VAL G 81 17.26 -15.44 -4.04
C VAL G 81 16.18 -14.47 -4.51
N VAL G 82 15.99 -13.39 -3.75
CA VAL G 82 14.95 -12.42 -4.09
C VAL G 82 15.38 -10.97 -3.98
N SER G 83 14.73 -10.11 -4.75
CA SER G 83 15.02 -8.68 -4.76
C SER G 83 13.72 -7.92 -4.90
N SER G 84 13.58 -6.85 -4.13
CA SER G 84 12.37 -6.03 -4.17
C SER G 84 12.03 -5.69 -5.61
N SER G 85 10.76 -5.82 -5.95
CA SER G 85 10.29 -5.56 -7.30
C SER G 85 10.39 -4.05 -7.59
N ALA G 86 10.30 -3.25 -6.55
CA ALA G 86 10.39 -1.80 -6.68
C ALA G 86 11.79 -1.34 -7.05
N ALA G 87 12.80 -2.05 -6.54
CA ALA G 87 14.20 -1.68 -6.79
C ALA G 87 14.84 -2.40 -7.97
N ARG G 88 14.02 -2.88 -8.90
CA ARG G 88 14.51 -3.58 -10.09
C ARG G 88 15.33 -2.66 -10.99
N GLY G 89 16.30 -3.24 -11.68
CA GLY G 89 17.13 -2.47 -12.58
C GLY G 89 18.33 -1.80 -11.92
N GLN G 90 18.41 -1.87 -10.60
CA GLN G 90 19.52 -1.27 -9.86
C GLN G 90 20.72 -2.21 -9.77
N GLY G 91 20.62 -3.34 -10.48
CA GLY G 91 21.70 -4.31 -10.48
C GLY G 91 21.93 -4.92 -9.11
N LEU G 92 20.86 -5.40 -8.50
CA LEU G 92 20.95 -6.00 -7.17
C LEU G 92 21.27 -7.48 -7.28
N GLY G 93 20.57 -8.17 -8.16
CA GLY G 93 20.78 -9.59 -8.36
C GLY G 93 22.26 -9.91 -8.41
N HIS G 94 22.97 -9.17 -9.25
CA HIS G 94 24.40 -9.38 -9.36
C HIS G 94 25.07 -9.11 -8.04
N GLN G 95 24.67 -8.04 -7.35
CA GLN G 95 25.28 -7.75 -6.06
C GLN G 95 24.99 -8.88 -5.07
N LEU G 96 23.80 -9.47 -5.18
CA LEU G 96 23.41 -10.56 -4.30
C LEU G 96 24.30 -11.77 -4.54
N GLU G 98 27.15 -12.24 -6.12
CA GLU G 98 28.56 -12.03 -5.85
C GLU G 98 28.85 -12.01 -4.34
N ARG G 99 28.03 -11.27 -3.59
CA ARG G 99 28.21 -11.18 -2.15
C ARG G 99 27.83 -12.52 -1.52
N ALA G 100 26.97 -13.27 -2.19
CA ALA G 100 26.55 -14.58 -1.69
C ALA G 100 27.75 -15.51 -1.71
N LEU G 101 28.30 -15.70 -2.89
CA LEU G 101 29.45 -16.57 -3.06
C LEU G 101 30.61 -16.13 -2.19
N GLN G 102 30.64 -14.84 -1.87
CA GLN G 102 31.72 -14.31 -1.04
C GLN G 102 31.65 -14.90 0.38
N ALA G 103 30.50 -14.75 1.02
CA ALA G 103 30.30 -15.27 2.37
C ALA G 103 30.45 -16.77 2.41
N ALA G 104 30.11 -17.43 1.30
CA ALA G 104 30.22 -18.88 1.22
C ALA G 104 31.67 -19.32 1.43
N GLU G 105 32.57 -18.67 0.70
CA GLU G 105 34.00 -18.97 0.78
C GLU G 105 34.56 -18.76 2.19
N ARG G 106 34.05 -17.76 2.92
CA ARG G 106 34.54 -17.54 4.28
C ARG G 106 33.89 -18.48 5.29
N LEU G 107 32.56 -18.52 5.29
CA LEU G 107 31.78 -19.38 6.19
C LEU G 107 32.07 -20.87 5.99
N TRP G 108 32.22 -21.30 4.74
CA TRP G 108 32.48 -22.70 4.41
C TRP G 108 33.52 -22.83 3.29
N LEU G 109 34.74 -22.35 3.58
CA LEU G 109 35.82 -22.37 2.61
C LEU G 109 35.98 -23.68 1.85
N ASP G 110 36.14 -23.57 0.53
CA ASP G 110 36.33 -24.71 -0.36
C ASP G 110 35.23 -25.76 -0.31
N THR G 111 33.99 -25.29 -0.33
CA THR G 111 32.86 -26.18 -0.32
C THR G 111 32.03 -25.80 -1.52
N PRO G 112 31.63 -26.78 -2.34
CA PRO G 112 30.82 -26.50 -3.53
C PRO G 112 29.46 -25.90 -3.18
N VAL G 113 29.03 -24.93 -3.97
CA VAL G 113 27.75 -24.29 -3.75
C VAL G 113 26.70 -24.86 -4.71
N TYR G 114 25.50 -25.03 -4.19
CA TYR G 114 24.40 -25.58 -4.98
C TYR G 114 23.21 -24.66 -4.90
N LEU G 115 22.40 -24.68 -5.96
CA LEU G 115 21.19 -23.89 -6.00
C LEU G 115 20.31 -24.45 -7.07
N SER G 116 19.01 -24.32 -6.83
CA SER G 116 17.99 -24.79 -7.75
C SER G 116 17.50 -23.59 -8.56
N ALA G 117 18.22 -23.26 -9.62
CA ALA G 117 17.87 -22.12 -10.46
C ALA G 117 16.77 -22.39 -11.48
N GLN G 118 16.04 -21.34 -11.84
CA GLN G 118 14.97 -21.46 -12.81
C GLN G 118 15.56 -21.74 -14.19
N ALA G 119 15.11 -22.83 -14.77
CA ALA G 119 15.57 -23.29 -16.08
C ALA G 119 16.20 -22.27 -17.04
N HIS G 120 15.49 -21.18 -17.31
CA HIS G 120 15.98 -20.17 -18.24
C HIS G 120 17.21 -19.35 -17.80
N LEU G 121 17.63 -19.52 -16.55
CA LEU G 121 18.78 -18.77 -16.07
C LEU G 121 20.08 -19.57 -16.01
N GLN G 122 20.14 -20.68 -16.73
CA GLN G 122 21.33 -21.51 -16.75
C GLN G 122 22.52 -20.70 -17.21
N ALA G 123 22.36 -20.02 -18.34
CA ALA G 123 23.43 -19.19 -18.87
C ALA G 123 23.85 -18.18 -17.81
N TYR G 124 22.87 -17.57 -17.16
CA TYR G 124 23.13 -16.57 -16.13
C TYR G 124 24.15 -17.09 -15.14
N TYR G 125 23.73 -18.07 -14.34
CA TYR G 125 24.59 -18.67 -13.32
C TYR G 125 25.78 -19.41 -13.94
N GLY G 126 25.63 -19.84 -15.19
CA GLY G 126 26.72 -20.53 -15.86
C GLY G 126 27.91 -19.59 -15.90
N ARG G 127 27.60 -18.29 -15.98
CA ARG G 127 28.63 -17.26 -16.03
C ARG G 127 29.24 -17.04 -14.64
N TYR G 128 28.64 -17.64 -13.62
CA TYR G 128 29.13 -17.53 -12.25
C TYR G 128 29.98 -18.73 -11.88
N GLY G 129 29.96 -19.73 -12.75
CA GLY G 129 30.73 -20.94 -12.51
C GLY G 129 29.84 -22.11 -12.12
N PHE G 130 28.54 -21.92 -12.27
CA PHE G 130 27.57 -22.95 -11.95
C PHE G 130 27.33 -23.85 -13.14
N VAL G 131 27.13 -25.14 -12.86
CA VAL G 131 26.89 -26.12 -13.90
C VAL G 131 25.67 -26.96 -13.50
N ALA G 132 24.82 -27.25 -14.47
CA ALA G 132 23.62 -28.04 -14.21
C ALA G 132 24.04 -29.43 -13.74
N VAL G 133 23.26 -30.02 -12.84
CA VAL G 133 23.55 -31.35 -12.32
C VAL G 133 22.30 -32.24 -12.32
N THR G 134 21.18 -31.68 -12.72
CA THR G 134 19.96 -32.49 -12.79
C THR G 134 19.23 -32.23 -14.08
N GLU G 135 18.07 -32.88 -14.22
CA GLU G 135 17.24 -32.66 -15.38
C GLU G 135 16.45 -31.41 -15.00
N VAL G 136 15.48 -31.02 -15.81
CA VAL G 136 14.67 -29.84 -15.48
C VAL G 136 13.49 -30.39 -14.68
N TYR G 137 13.08 -29.69 -13.64
CA TYR G 137 11.97 -30.19 -12.83
C TYR G 137 11.06 -29.11 -12.26
N LEU G 138 9.95 -29.55 -11.68
CA LEU G 138 8.97 -28.63 -11.08
C LEU G 138 9.10 -28.45 -9.57
N GLU G 139 9.33 -27.20 -9.18
CA GLU G 139 9.43 -26.82 -7.77
C GLU G 139 8.14 -26.04 -7.53
N ASP G 140 7.04 -26.78 -7.43
CA ASP G 140 5.70 -26.22 -7.27
C ASP G 140 5.28 -25.67 -8.62
N ASP G 141 4.90 -26.58 -9.52
CA ASP G 141 4.48 -26.24 -10.88
C ASP G 141 5.26 -25.09 -11.51
N ILE G 142 6.56 -25.31 -11.69
CA ILE G 142 7.45 -24.33 -12.29
C ILE G 142 8.84 -24.96 -12.53
N PRO G 143 9.29 -24.96 -13.80
CA PRO G 143 10.57 -25.51 -14.26
C PRO G 143 11.86 -24.97 -13.64
N HIS G 144 12.57 -25.87 -12.98
CA HIS G 144 13.83 -25.56 -12.32
C HIS G 144 14.90 -26.57 -12.77
N ILE G 145 16.13 -26.25 -12.43
CA ILE G 145 17.26 -27.11 -12.78
C ILE G 145 18.33 -26.96 -11.69
N GLY G 146 18.85 -28.08 -11.21
CA GLY G 146 19.86 -28.06 -10.17
C GLY G 146 21.21 -27.67 -10.73
N ARG G 148 25.47 -26.61 -9.63
CA ARG G 148 26.50 -26.49 -8.63
C ARG G 148 27.77 -25.85 -9.17
N ARG G 149 28.40 -25.09 -8.29
CA ARG G 149 29.63 -24.40 -8.61
C ARG G 149 30.72 -25.00 -7.71
N LEU H 3 -2.70 -28.37 26.88
CA LEU H 3 -2.55 -27.12 26.07
C LEU H 3 -2.02 -25.97 26.89
N ASP H 4 -1.06 -25.25 26.32
CA ASP H 4 -0.48 -24.11 26.99
C ASP H 4 -0.78 -22.86 26.17
N TRP H 5 -1.49 -21.92 26.80
CA TRP H 5 -1.87 -20.69 26.14
C TRP H 5 -1.06 -19.49 26.60
N THR H 6 -0.87 -18.55 25.68
CA THR H 6 -0.16 -17.31 25.98
C THR H 6 -0.66 -16.22 25.02
N CYS H 7 -0.72 -15.00 25.54
CA CYS H 7 -1.16 -13.86 24.76
C CYS H 7 -0.05 -12.80 24.83
N LYS H 8 0.88 -12.86 23.87
CA LYS H 8 2.01 -11.94 23.85
C LYS H 8 1.87 -10.68 23.00
N HIS H 9 2.40 -9.60 23.56
CA HIS H 9 2.45 -8.34 22.85
C HIS H 9 3.58 -8.68 21.87
N HIS H 10 3.38 -8.39 20.59
CA HIS H 10 4.39 -8.74 19.58
C HIS H 10 5.82 -8.41 19.99
N ALA H 11 6.00 -7.32 20.70
CA ALA H 11 7.33 -6.92 21.14
C ALA H 11 8.03 -7.97 22.01
N ASP H 12 7.25 -8.87 22.61
CA ASP H 12 7.84 -9.90 23.48
C ASP H 12 8.00 -11.27 22.82
N LEU H 13 7.63 -11.38 21.55
CA LEU H 13 7.75 -12.65 20.84
C LEU H 13 9.21 -13.07 20.68
N THR H 14 9.41 -14.38 20.52
CA THR H 14 10.74 -14.95 20.28
C THR H 14 10.80 -15.25 18.78
N LEU H 15 12.00 -15.44 18.24
CA LEU H 15 12.13 -15.73 16.82
C LEU H 15 11.35 -16.98 16.42
N LYS H 16 11.33 -17.97 17.30
CA LYS H 16 10.64 -19.25 17.06
C LYS H 16 9.13 -19.05 17.05
N GLU H 17 8.63 -18.27 18.01
CA GLU H 17 7.22 -17.98 18.13
C GLU H 17 6.69 -17.30 16.87
N LEU H 18 7.39 -16.25 16.43
CA LEU H 18 6.97 -15.52 15.24
C LEU H 18 7.01 -16.45 14.05
N TYR H 19 8.10 -17.18 13.91
CA TYR H 19 8.26 -18.11 12.79
C TYR H 19 7.11 -19.10 12.77
N ALA H 20 6.91 -19.79 13.89
CA ALA H 20 5.85 -20.78 14.01
C ALA H 20 4.48 -20.20 13.67
N LEU H 21 4.18 -19.02 14.19
CA LEU H 21 2.87 -18.42 13.96
C LEU H 21 2.64 -18.07 12.49
N LEU H 22 3.68 -17.64 11.81
CA LEU H 22 3.53 -17.31 10.41
C LEU H 22 3.51 -18.64 9.63
N GLN H 23 4.18 -19.64 10.19
CA GLN H 23 4.25 -20.97 9.59
C GLN H 23 2.85 -21.59 9.57
N LEU H 24 2.15 -21.55 10.70
CA LEU H 24 0.81 -22.12 10.76
C LEU H 24 -0.16 -21.28 9.92
N ARG H 25 0.02 -19.97 9.93
CA ARG H 25 -0.88 -19.12 9.18
C ARG H 25 -0.77 -19.36 7.68
N THR H 26 0.45 -19.55 7.20
CA THR H 26 0.67 -19.81 5.78
C THR H 26 0.14 -21.18 5.41
N GLU H 27 0.36 -22.14 6.30
CA GLU H 27 -0.07 -23.50 6.09
C GLU H 27 -1.56 -23.62 5.80
N VAL H 28 -2.35 -22.82 6.50
CA VAL H 28 -3.80 -22.86 6.32
C VAL H 28 -4.39 -21.82 5.36
N PHE H 29 -4.11 -20.54 5.59
CA PHE H 29 -4.66 -19.49 4.74
C PHE H 29 -4.04 -19.40 3.34
N VAL H 30 -2.79 -19.84 3.19
CA VAL H 30 -2.13 -19.80 1.87
C VAL H 30 -2.12 -21.16 1.17
N VAL H 31 -1.69 -22.19 1.89
CA VAL H 31 -1.60 -23.52 1.32
C VAL H 31 -2.88 -24.36 1.31
N GLU H 32 -3.40 -24.75 2.47
CA GLU H 32 -4.61 -25.56 2.41
C GLU H 32 -5.82 -24.83 1.83
N GLN H 33 -5.84 -23.50 1.90
CA GLN H 33 -6.96 -22.75 1.33
C GLN H 33 -6.68 -22.30 -0.10
N LYS H 34 -5.49 -22.64 -0.60
CA LYS H 34 -5.10 -22.33 -1.96
C LYS H 34 -5.23 -20.86 -2.35
N CYS H 35 -4.90 -19.98 -1.41
CA CYS H 35 -4.99 -18.54 -1.64
C CYS H 35 -3.62 -17.86 -1.57
N PRO H 36 -3.02 -17.57 -2.73
CA PRO H 36 -1.71 -16.92 -2.76
C PRO H 36 -1.76 -15.40 -2.52
N TYR H 37 -1.98 -15.01 -1.27
CA TYR H 37 -2.04 -13.60 -0.90
C TYR H 37 -0.88 -13.21 0.03
N GLN H 38 -0.81 -11.94 0.43
CA GLN H 38 0.25 -11.49 1.32
C GLN H 38 -0.05 -11.81 2.77
N GLU H 39 0.27 -13.05 3.17
CA GLU H 39 0.05 -13.49 4.52
C GLU H 39 0.76 -12.56 5.49
N VAL H 40 1.98 -12.18 5.14
CA VAL H 40 2.77 -11.29 5.99
C VAL H 40 2.36 -9.86 5.64
N ASP H 41 1.24 -9.40 6.23
CA ASP H 41 0.68 -8.07 5.96
C ASP H 41 1.26 -6.86 6.69
N GLY H 42 2.25 -7.07 7.55
CA GLY H 42 2.87 -5.95 8.25
C GLY H 42 2.17 -5.47 9.51
N LEU H 43 0.96 -6.01 9.76
CA LEU H 43 0.18 -5.63 10.93
C LEU H 43 0.52 -6.45 12.17
N ASP H 44 1.56 -7.25 12.11
CA ASP H 44 1.93 -8.12 13.24
C ASP H 44 2.88 -7.51 14.29
N LEU H 45 3.78 -6.64 13.86
CA LEU H 45 4.76 -6.07 14.79
C LEU H 45 4.61 -4.56 14.91
N VAL H 46 3.37 -4.08 14.85
CA VAL H 46 3.09 -2.65 14.97
C VAL H 46 2.24 -2.35 16.20
N GLY H 47 2.30 -1.09 16.64
CA GLY H 47 1.53 -0.67 17.80
C GLY H 47 1.47 -1.68 18.93
N ASP H 48 0.26 -2.12 19.27
CA ASP H 48 0.09 -3.09 20.35
C ASP H 48 -0.66 -4.35 19.91
N THR H 49 -0.37 -4.89 18.75
CA THR H 49 -1.09 -6.08 18.34
C THR H 49 -0.65 -7.23 19.25
N HIS H 50 -1.58 -8.11 19.56
CA HIS H 50 -1.28 -9.22 20.44
C HIS H 50 -1.43 -10.52 19.70
N HIS H 51 -0.76 -11.55 20.19
CA HIS H 51 -0.82 -12.86 19.58
C HIS H 51 -1.26 -13.94 20.57
N LEU H 52 -2.41 -14.54 20.29
CA LEU H 52 -2.95 -15.60 21.14
C LEU H 52 -2.52 -16.95 20.56
N ALA H 54 -1.72 -21.30 21.25
CA ALA H 54 -1.99 -22.53 21.98
C ALA H 54 -0.93 -23.54 21.57
N TRP H 55 0.00 -23.80 22.48
CA TRP H 55 1.10 -24.72 22.23
C TRP H 55 0.94 -26.10 22.84
N ARG H 56 1.68 -27.05 22.30
CA ARG H 56 1.66 -28.42 22.79
C ARG H 56 2.73 -29.21 22.05
N ASP H 57 3.68 -29.76 22.80
CA ASP H 57 4.76 -30.55 22.21
C ASP H 57 5.63 -29.72 21.30
N GLY H 58 5.81 -28.45 21.66
CA GLY H 58 6.62 -27.56 20.85
C GLY H 58 5.98 -27.19 19.52
N GLN H 59 4.76 -27.67 19.27
CA GLN H 59 4.07 -27.33 18.01
C GLN H 59 2.87 -26.42 18.31
N LEU H 60 2.63 -25.46 17.42
CA LEU H 60 1.53 -24.51 17.57
C LEU H 60 0.26 -25.14 16.97
N LEU H 61 -0.81 -25.21 17.75
CA LEU H 61 -2.06 -25.83 17.26
C LEU H 61 -3.20 -24.84 16.96
N ALA H 62 -3.27 -23.76 17.73
CA ALA H 62 -4.31 -22.75 17.52
C ALA H 62 -3.71 -21.37 17.62
N TYR H 63 -4.33 -20.40 16.95
CA TYR H 63 -3.83 -19.04 16.94
C TYR H 63 -4.87 -18.02 16.49
N LEU H 64 -4.60 -16.74 16.77
CA LEU H 64 -5.45 -15.65 16.33
C LEU H 64 -4.73 -14.34 16.65
N ARG H 65 -5.03 -13.29 15.89
CA ARG H 65 -4.35 -12.00 16.09
C ARG H 65 -5.26 -10.93 16.67
N LEU H 66 -4.68 -10.07 17.49
CA LEU H 66 -5.43 -8.97 18.11
C LEU H 66 -4.77 -7.64 17.80
N LEU H 67 -5.40 -6.85 16.93
CA LEU H 67 -4.94 -5.53 16.56
C LEU H 67 -5.61 -4.54 17.51
N ASP H 68 -4.81 -3.68 18.16
CA ASP H 68 -5.34 -2.71 19.13
C ASP H 68 -6.15 -1.56 18.49
N PRO H 69 -7.05 -0.93 19.27
CA PRO H 69 -7.90 0.17 18.80
C PRO H 69 -7.28 1.56 18.60
N VAL H 70 -6.14 1.84 19.24
CA VAL H 70 -5.54 3.15 19.08
C VAL H 70 -4.89 3.33 17.71
N ARG H 71 -4.28 2.26 17.20
CA ARG H 71 -3.59 2.32 15.90
C ARG H 71 -4.48 1.97 14.71
N HIS H 72 -5.64 1.35 14.96
CA HIS H 72 -6.53 0.95 13.87
C HIS H 72 -8.01 1.30 14.04
N GLU H 73 -8.33 2.59 13.96
CA GLU H 73 -9.73 3.03 14.03
C GLU H 73 -10.58 2.66 15.26
N GLY H 74 -10.06 2.90 16.45
CA GLY H 74 -10.81 2.65 17.67
C GLY H 74 -11.68 1.40 17.77
N GLN H 75 -11.16 0.30 17.26
CA GLN H 75 -11.83 -0.98 17.34
C GLN H 75 -10.70 -2.00 17.57
N VAL H 76 -10.96 -3.00 18.41
CA VAL H 76 -9.99 -4.05 18.61
C VAL H 76 -10.42 -5.04 17.53
N VAL H 77 -9.47 -5.45 16.70
CA VAL H 77 -9.80 -6.37 15.61
C VAL H 77 -9.24 -7.76 15.85
N ILE H 78 -10.10 -8.75 15.67
CA ILE H 78 -9.75 -10.15 15.82
C ILE H 78 -9.54 -10.69 14.41
N GLY H 79 -8.39 -11.32 14.17
CA GLY H 79 -8.13 -11.87 12.84
C GLY H 79 -7.22 -13.08 12.82
N ARG H 80 -6.91 -13.56 11.63
CA ARG H 80 -6.04 -14.72 11.47
C ARG H 80 -6.41 -15.84 12.43
N VAL H 81 -7.71 -16.04 12.63
CA VAL H 81 -8.16 -17.08 13.54
C VAL H 81 -7.88 -18.42 12.88
N VAL H 82 -6.98 -19.20 13.45
CA VAL H 82 -6.67 -20.47 12.83
C VAL H 82 -6.43 -21.61 13.80
N SER H 83 -6.73 -22.82 13.35
CA SER H 83 -6.52 -24.01 14.16
C SER H 83 -5.90 -25.05 13.24
N SER H 84 -4.87 -25.74 13.73
CA SER H 84 -4.20 -26.76 12.94
C SER H 84 -5.15 -27.95 12.67
N SER H 85 -5.03 -28.54 11.49
CA SER H 85 -5.84 -29.68 11.06
C SER H 85 -5.89 -30.81 12.10
N ALA H 86 -4.71 -31.22 12.56
CA ALA H 86 -4.58 -32.28 13.54
C ALA H 86 -5.44 -32.06 14.78
N ALA H 87 -6.05 -30.89 14.90
CA ALA H 87 -6.88 -30.58 16.06
C ALA H 87 -8.10 -29.72 15.78
N ARG H 88 -9.02 -30.24 14.99
CA ARG H 88 -10.25 -29.50 14.66
C ARG H 88 -11.45 -30.35 15.09
N GLY H 91 -12.80 -28.96 20.44
CA GLY H 91 -13.42 -27.66 20.66
C GLY H 91 -12.46 -26.51 20.88
N LEU H 92 -11.45 -26.37 20.02
CA LEU H 92 -10.47 -25.28 20.13
C LEU H 92 -11.06 -23.97 19.58
N GLY H 93 -11.81 -24.06 18.49
CA GLY H 93 -12.42 -22.87 17.93
C GLY H 93 -13.10 -22.10 19.05
N HIS H 94 -13.68 -22.84 20.00
CA HIS H 94 -14.37 -22.22 21.13
C HIS H 94 -13.41 -21.61 22.13
N GLN H 95 -12.29 -22.29 22.39
CA GLN H 95 -11.31 -21.78 23.33
C GLN H 95 -10.59 -20.54 22.82
N LEU H 96 -10.46 -20.45 21.50
CA LEU H 96 -9.81 -19.31 20.86
C LEU H 96 -10.61 -18.03 21.12
N GLU H 98 -13.14 -17.35 23.18
CA GLU H 98 -13.31 -17.02 24.58
C GLU H 98 -12.05 -16.46 25.24
N ARG H 99 -10.90 -17.02 24.90
CA ARG H 99 -9.65 -16.53 25.48
C ARG H 99 -9.29 -15.16 24.90
N ALA H 100 -9.80 -14.88 23.71
CA ALA H 100 -9.52 -13.63 23.02
C ALA H 100 -10.39 -12.48 23.53
N LEU H 101 -11.68 -12.72 23.60
CA LEU H 101 -12.61 -11.72 24.11
C LEU H 101 -12.18 -11.35 25.52
N GLN H 102 -11.54 -12.32 26.19
CA GLN H 102 -11.04 -12.16 27.55
C GLN H 102 -9.82 -11.24 27.55
N ALA H 103 -9.03 -11.32 26.49
CA ALA H 103 -7.84 -10.51 26.34
C ALA H 103 -8.28 -9.11 25.95
N ALA H 104 -9.35 -9.03 25.16
CA ALA H 104 -9.88 -7.75 24.74
C ALA H 104 -10.36 -7.03 26.00
N GLU H 105 -10.80 -7.82 26.97
CA GLU H 105 -11.29 -7.31 28.26
C GLU H 105 -10.20 -6.65 29.10
N ARG H 106 -9.06 -7.32 29.26
CA ARG H 106 -7.97 -6.76 30.04
C ARG H 106 -7.37 -5.58 29.31
N LEU H 107 -6.83 -5.86 28.13
CA LEU H 107 -6.16 -4.87 27.30
C LEU H 107 -6.93 -3.64 26.88
N TRP H 108 -8.16 -3.83 26.42
CA TRP H 108 -8.95 -2.70 25.94
C TRP H 108 -10.39 -2.69 26.44
N LEU H 109 -10.54 -2.67 27.75
CA LEU H 109 -11.85 -2.66 28.41
C LEU H 109 -12.93 -1.83 27.73
N ASP H 110 -14.07 -2.46 27.50
CA ASP H 110 -15.21 -1.81 26.90
C ASP H 110 -15.01 -1.27 25.48
N THR H 111 -13.88 -1.62 24.86
CA THR H 111 -13.62 -1.19 23.49
C THR H 111 -14.30 -2.24 22.59
N PRO H 112 -15.20 -1.81 21.70
CA PRO H 112 -15.86 -2.79 20.82
C PRO H 112 -14.89 -3.61 19.98
N VAL H 113 -15.24 -4.87 19.72
CA VAL H 113 -14.37 -5.75 18.94
C VAL H 113 -14.98 -6.01 17.58
N TYR H 114 -14.14 -6.12 16.56
CA TYR H 114 -14.61 -6.35 15.19
C TYR H 114 -13.81 -7.43 14.47
N LEU H 115 -14.41 -8.06 13.47
CA LEU H 115 -13.72 -9.05 12.67
C LEU H 115 -14.48 -9.35 11.38
N SER H 116 -13.72 -9.75 10.36
CA SER H 116 -14.29 -10.11 9.05
C SER H 116 -14.38 -11.61 9.01
N ALA H 117 -15.54 -12.13 8.60
CA ALA H 117 -15.69 -13.58 8.54
C ALA H 117 -16.48 -14.06 7.36
N GLN H 118 -16.48 -15.37 7.15
CA GLN H 118 -17.22 -16.00 6.05
C GLN H 118 -18.69 -16.01 6.43
N ALA H 119 -19.55 -15.65 5.50
CA ALA H 119 -20.98 -15.58 5.75
C ALA H 119 -21.61 -16.87 6.28
N HIS H 120 -20.96 -18.00 6.07
CA HIS H 120 -21.52 -19.27 6.53
C HIS H 120 -21.36 -19.47 8.03
N LEU H 121 -20.16 -19.28 8.56
CA LEU H 121 -19.95 -19.42 10.00
C LEU H 121 -20.30 -18.12 10.72
N GLN H 122 -21.38 -17.48 10.26
CA GLN H 122 -21.87 -16.23 10.81
C GLN H 122 -22.48 -16.49 12.19
N ALA H 123 -23.36 -17.48 12.24
CA ALA H 123 -24.03 -17.87 13.48
C ALA H 123 -23.01 -18.22 14.55
N TYR H 124 -21.92 -18.85 14.12
CA TYR H 124 -20.86 -19.25 15.03
C TYR H 124 -20.30 -18.05 15.79
N TYR H 125 -20.05 -16.94 15.09
CA TYR H 125 -19.51 -15.76 15.74
C TYR H 125 -20.60 -15.06 16.54
N GLY H 126 -21.85 -15.41 16.27
CA GLY H 126 -22.95 -14.83 17.01
C GLY H 126 -22.96 -15.45 18.39
N ARG H 127 -22.29 -16.60 18.52
CA ARG H 127 -22.20 -17.31 19.80
C ARG H 127 -21.38 -16.48 20.79
N TYR H 128 -20.65 -15.49 20.29
CA TYR H 128 -19.81 -14.68 21.14
C TYR H 128 -20.14 -13.19 21.10
N GLY H 129 -21.39 -12.88 20.75
CA GLY H 129 -21.84 -11.49 20.73
C GLY H 129 -21.60 -10.64 19.50
N PHE H 130 -21.23 -11.24 18.39
CA PHE H 130 -20.99 -10.48 17.18
C PHE H 130 -22.23 -10.42 16.31
N VAL H 131 -22.53 -9.24 15.81
CA VAL H 131 -23.68 -9.01 14.96
C VAL H 131 -23.15 -8.57 13.59
N ALA H 132 -23.81 -8.98 12.53
CA ALA H 132 -23.37 -8.57 11.21
C ALA H 132 -23.74 -7.10 11.01
N VAL H 133 -22.79 -6.30 10.54
CA VAL H 133 -23.06 -4.88 10.32
C VAL H 133 -22.87 -4.46 8.86
N THR H 134 -22.35 -5.35 8.03
CA THR H 134 -22.16 -5.04 6.64
C THR H 134 -23.00 -5.97 5.77
N GLU H 135 -22.93 -5.76 4.46
CA GLU H 135 -23.63 -6.57 3.48
C GLU H 135 -22.62 -7.70 3.25
N VAL H 136 -22.98 -8.70 2.46
CA VAL H 136 -22.05 -9.79 2.20
C VAL H 136 -21.07 -9.34 1.11
N TYR H 137 -19.78 -9.61 1.31
CA TYR H 137 -18.78 -9.22 0.31
C TYR H 137 -17.73 -10.30 0.10
N LEU H 138 -17.03 -10.21 -1.03
CA LEU H 138 -16.02 -11.19 -1.39
C LEU H 138 -14.60 -10.90 -0.96
N GLU H 139 -14.01 -11.85 -0.24
CA GLU H 139 -12.63 -11.76 0.21
C GLU H 139 -11.94 -12.89 -0.55
N ASP H 140 -10.95 -12.55 -1.36
CA ASP H 140 -10.24 -13.54 -2.17
C ASP H 140 -11.21 -14.57 -2.74
N ASP H 141 -12.29 -14.05 -3.32
CA ASP H 141 -13.34 -14.83 -3.96
C ASP H 141 -14.30 -15.62 -3.06
N ILE H 142 -14.04 -15.60 -1.75
CA ILE H 142 -14.91 -16.33 -0.82
C ILE H 142 -15.77 -15.35 0.00
N PRO H 143 -17.11 -15.53 -0.04
CA PRO H 143 -18.07 -14.69 0.68
C PRO H 143 -17.85 -14.49 2.18
N HIS H 144 -17.67 -13.22 2.55
CA HIS H 144 -17.46 -12.82 3.93
C HIS H 144 -18.47 -11.75 4.35
N ILE H 145 -18.42 -11.41 5.63
CA ILE H 145 -19.30 -10.39 6.18
C ILE H 145 -18.62 -9.78 7.41
N GLY H 146 -18.78 -8.48 7.60
CA GLY H 146 -18.15 -7.80 8.71
C GLY H 146 -19.03 -7.81 9.94
N ARG H 148 -19.32 -6.99 14.43
CA ARG H 148 -18.80 -6.31 15.61
C ARG H 148 -19.59 -6.57 16.90
N ARG H 149 -18.88 -6.58 18.01
CA ARG H 149 -19.48 -6.80 19.32
C ARG H 149 -19.21 -5.57 20.22
N ALA H 150 -20.27 -5.04 20.81
CA ALA H 150 -20.13 -3.87 21.67
C ALA H 150 -19.39 -4.17 22.97
#